data_1WUW
# 
_entry.id   1WUW 
# 
_audit_conform.dict_name       mmcif_pdbx.dic 
_audit_conform.dict_version    5.398 
_audit_conform.dict_location   http://mmcif.pdb.org/dictionaries/ascii/mmcif_pdbx.dic 
# 
loop_
_database_2.database_id 
_database_2.database_code 
_database_2.pdbx_database_accession 
_database_2.pdbx_DOI 
PDB   1WUW         pdb_00001wuw 10.2210/pdb1wuw/pdb 
RCSB  RCSB024028   ?            ?                   
WWPDB D_1000024028 ?            ?                   
# 
loop_
_pdbx_audit_revision_history.ordinal 
_pdbx_audit_revision_history.data_content_type 
_pdbx_audit_revision_history.major_revision 
_pdbx_audit_revision_history.minor_revision 
_pdbx_audit_revision_history.revision_date 
1 'Structure model' 1 0 2005-01-11 
2 'Structure model' 1 1 2008-04-30 
3 'Structure model' 1 2 2011-07-13 
4 'Structure model' 1 3 2017-10-11 
5 'Structure model' 1 4 2021-08-04 
6 'Structure model' 1 5 2023-10-25 
7 'Structure model' 1 6 2024-11-06 
# 
_pdbx_audit_revision_details.ordinal             1 
_pdbx_audit_revision_details.revision_ordinal    1 
_pdbx_audit_revision_details.data_content_type   'Structure model' 
_pdbx_audit_revision_details.provider            repository 
_pdbx_audit_revision_details.type                'Initial release' 
_pdbx_audit_revision_details.description         ? 
_pdbx_audit_revision_details.details             ? 
# 
loop_
_pdbx_audit_revision_group.ordinal 
_pdbx_audit_revision_group.revision_ordinal 
_pdbx_audit_revision_group.data_content_type 
_pdbx_audit_revision_group.group 
1 2 'Structure model' 'Version format compliance' 
2 3 'Structure model' 'Version format compliance' 
3 4 'Structure model' 'Refinement description'    
4 5 'Structure model' 'Derived calculations'      
5 5 'Structure model' 'Refinement description'    
6 6 'Structure model' 'Data collection'           
7 6 'Structure model' 'Database references'       
8 6 'Structure model' 'Refinement description'    
9 7 'Structure model' 'Structure summary'         
# 
loop_
_pdbx_audit_revision_category.ordinal 
_pdbx_audit_revision_category.revision_ordinal 
_pdbx_audit_revision_category.data_content_type 
_pdbx_audit_revision_category.category 
1 4 'Structure model' software                      
2 5 'Structure model' refine                        
3 5 'Structure model' struct_site                   
4 6 'Structure model' chem_comp_atom                
5 6 'Structure model' chem_comp_bond                
6 6 'Structure model' database_2                    
7 6 'Structure model' pdbx_initial_refinement_model 
8 7 'Structure model' pdbx_entry_details            
9 7 'Structure model' pdbx_modification_feature     
# 
loop_
_pdbx_audit_revision_item.ordinal 
_pdbx_audit_revision_item.revision_ordinal 
_pdbx_audit_revision_item.data_content_type 
_pdbx_audit_revision_item.item 
1 4 'Structure model' '_software.name'                      
2 5 'Structure model' '_refine.ls_percent_reflns_obs'       
3 5 'Structure model' '_struct_site.pdbx_auth_asym_id'      
4 5 'Structure model' '_struct_site.pdbx_auth_comp_id'      
5 5 'Structure model' '_struct_site.pdbx_auth_seq_id'       
6 6 'Structure model' '_database_2.pdbx_DOI'                
7 6 'Structure model' '_database_2.pdbx_database_accession' 
# 
_pdbx_database_status.status_code                     REL 
_pdbx_database_status.entry_id                        1WUW 
_pdbx_database_status.recvd_initial_deposition_date   2004-12-09 
_pdbx_database_status.deposit_site                    PDBJ 
_pdbx_database_status.process_site                    PDBJ 
_pdbx_database_status.status_code_sf                  REL 
_pdbx_database_status.status_code_mr                  ? 
_pdbx_database_status.SG_entry                        ? 
_pdbx_database_status.status_code_cs                  ? 
_pdbx_database_status.methods_development_category    ? 
_pdbx_database_status.pdb_format_compatible           Y 
_pdbx_database_status.status_code_nmr_data            ? 
# 
loop_
_audit_author.name 
_audit_author.pdbx_ordinal 
'Johnson, K.A.' 1 
'Kim, E.'       2 
'Teeter, M.M.'  3 
'Suh, S.W.'     4 
'Stec, B.'      5 
# 
_citation.id                        primary 
_citation.title                     'Crystal structure of alpha-hordothionin at 1.9 Angstrom resolution.' 
_citation.journal_abbrev            'Febs Lett.' 
_citation.journal_volume            579 
_citation.page_first                2301 
_citation.page_last                 2306 
_citation.year                      2005 
_citation.journal_id_ASTM           FEBLAL 
_citation.country                   NE 
_citation.journal_id_ISSN           0014-5793 
_citation.journal_id_CSD            0165 
_citation.book_publisher            ? 
_citation.pdbx_database_id_PubMed   15848162 
_citation.pdbx_database_id_DOI      10.1016/j.febslet.2004.12.100 
# 
loop_
_citation_author.citation_id 
_citation_author.name 
_citation_author.ordinal 
_citation_author.identifier_ORCID 
primary 'Johnson, K.A.' 1 ? 
primary 'Kim, E.'       2 ? 
primary 'Teeter, M.M.'  3 ? 
primary 'Suh, S.W.'     4 ? 
primary 'Stec, B.'      5 ? 
# 
loop_
_entity.id 
_entity.type 
_entity.src_method 
_entity.pdbx_description 
_entity.formula_weight 
_entity.pdbx_number_of_molecules 
_entity.pdbx_ec 
_entity.pdbx_mutation 
_entity.pdbx_fragment 
_entity.details 
1 polymer     nat Beta-hordothionin        4936.943 2  ? ? ? ? 
2 non-polymer syn 'PARA-TOLUENE SULFONATE' 172.202  2  ? ? ? ? 
3 non-polymer syn SERINE                   105.093  2  ? ? ? ? 
4 water       nat water                    18.015   92 ? ? ? ? 
# 
_entity_poly.entity_id                      1 
_entity_poly.type                           'polypeptide(L)' 
_entity_poly.nstd_linkage                   no 
_entity_poly.nstd_monomer                   no 
_entity_poly.pdbx_seq_one_letter_code       KSCCRSTLGRNCYNLCRVRGAQKLCANACRCKLTSGLKCPSSFPK 
_entity_poly.pdbx_seq_one_letter_code_can   KSCCRSTLGRNCYNLCRVRGAQKLCANACRCKLTSGLKCPSSFPK 
_entity_poly.pdbx_strand_id                 A,B 
_entity_poly.pdbx_target_identifier         ? 
# 
loop_
_pdbx_entity_nonpoly.entity_id 
_pdbx_entity_nonpoly.name 
_pdbx_entity_nonpoly.comp_id 
2 'PARA-TOLUENE SULFONATE' TSU 
3 SERINE                   SER 
4 water                    HOH 
# 
loop_
_entity_poly_seq.entity_id 
_entity_poly_seq.num 
_entity_poly_seq.mon_id 
_entity_poly_seq.hetero 
1 1  LYS n 
1 2  SER n 
1 3  CYS n 
1 4  CYS n 
1 5  ARG n 
1 6  SER n 
1 7  THR n 
1 8  LEU n 
1 9  GLY n 
1 10 ARG n 
1 11 ASN n 
1 12 CYS n 
1 13 TYR n 
1 14 ASN n 
1 15 LEU n 
1 16 CYS n 
1 17 ARG n 
1 18 VAL n 
1 19 ARG n 
1 20 GLY n 
1 21 ALA n 
1 22 GLN n 
1 23 LYS n 
1 24 LEU n 
1 25 CYS n 
1 26 ALA n 
1 27 ASN n 
1 28 ALA n 
1 29 CYS n 
1 30 ARG n 
1 31 CYS n 
1 32 LYS n 
1 33 LEU n 
1 34 THR n 
1 35 SER n 
1 36 GLY n 
1 37 LEU n 
1 38 LYS n 
1 39 CYS n 
1 40 PRO n 
1 41 SER n 
1 42 SER n 
1 43 PHE n 
1 44 PRO n 
1 45 LYS n 
# 
_entity_src_nat.entity_id                  1 
_entity_src_nat.pdbx_src_id                1 
_entity_src_nat.pdbx_alt_source_flag       sample 
_entity_src_nat.pdbx_beg_seq_num           ? 
_entity_src_nat.pdbx_end_seq_num           ? 
_entity_src_nat.common_name                ? 
_entity_src_nat.pdbx_organism_scientific   'Hordeum vulgare' 
_entity_src_nat.pdbx_ncbi_taxonomy_id      4513 
_entity_src_nat.genus                      Hordeum 
_entity_src_nat.species                    ? 
_entity_src_nat.strain                     ? 
_entity_src_nat.tissue                     ? 
_entity_src_nat.tissue_fraction            ? 
_entity_src_nat.pdbx_secretion             ? 
_entity_src_nat.pdbx_fragment              ? 
_entity_src_nat.pdbx_variant               ? 
_entity_src_nat.pdbx_cell_line             ? 
_entity_src_nat.pdbx_atcc                  ? 
_entity_src_nat.pdbx_cellular_location     ? 
_entity_src_nat.pdbx_organ                 ? 
_entity_src_nat.pdbx_organelle             ? 
_entity_src_nat.pdbx_cell                  ? 
_entity_src_nat.pdbx_plasmid_name          ? 
_entity_src_nat.pdbx_plasmid_details       ? 
_entity_src_nat.details                    ? 
# 
loop_
_chem_comp.id 
_chem_comp.type 
_chem_comp.mon_nstd_flag 
_chem_comp.name 
_chem_comp.pdbx_synonyms 
_chem_comp.formula 
_chem_comp.formula_weight 
ALA 'L-peptide linking' y ALANINE                  ? 'C3 H7 N O2'     89.093  
ARG 'L-peptide linking' y ARGININE                 ? 'C6 H15 N4 O2 1' 175.209 
ASN 'L-peptide linking' y ASPARAGINE               ? 'C4 H8 N2 O3'    132.118 
CYS 'L-peptide linking' y CYSTEINE                 ? 'C3 H7 N O2 S'   121.158 
GLN 'L-peptide linking' y GLUTAMINE                ? 'C5 H10 N2 O3'   146.144 
GLY 'peptide linking'   y GLYCINE                  ? 'C2 H5 N O2'     75.067  
HOH non-polymer         . WATER                    ? 'H2 O'           18.015  
LEU 'L-peptide linking' y LEUCINE                  ? 'C6 H13 N O2'    131.173 
LYS 'L-peptide linking' y LYSINE                   ? 'C6 H15 N2 O2 1' 147.195 
PHE 'L-peptide linking' y PHENYLALANINE            ? 'C9 H11 N O2'    165.189 
PRO 'L-peptide linking' y PROLINE                  ? 'C5 H9 N O2'     115.130 
SER 'L-peptide linking' y SERINE                   ? 'C3 H7 N O3'     105.093 
THR 'L-peptide linking' y THREONINE                ? 'C4 H9 N O3'     119.119 
TSU non-polymer         . 'PARA-TOLUENE SULFONATE' ? 'C7 H8 O3 S'     172.202 
TYR 'L-peptide linking' y TYROSINE                 ? 'C9 H11 N O3'    181.189 
VAL 'L-peptide linking' y VALINE                   ? 'C5 H11 N O2'    117.146 
# 
loop_
_pdbx_poly_seq_scheme.asym_id 
_pdbx_poly_seq_scheme.entity_id 
_pdbx_poly_seq_scheme.seq_id 
_pdbx_poly_seq_scheme.mon_id 
_pdbx_poly_seq_scheme.ndb_seq_num 
_pdbx_poly_seq_scheme.pdb_seq_num 
_pdbx_poly_seq_scheme.auth_seq_num 
_pdbx_poly_seq_scheme.pdb_mon_id 
_pdbx_poly_seq_scheme.auth_mon_id 
_pdbx_poly_seq_scheme.pdb_strand_id 
_pdbx_poly_seq_scheme.pdb_ins_code 
_pdbx_poly_seq_scheme.hetero 
A 1 1  LYS 1  1  1  LYS LYS A . n 
A 1 2  SER 2  2  2  SER SER A . n 
A 1 3  CYS 3  3  3  CYS CYS A . n 
A 1 4  CYS 4  4  4  CYS CYS A . n 
A 1 5  ARG 5  5  5  ARG ARG A . n 
A 1 6  SER 6  6  6  SER SER A . n 
A 1 7  THR 7  7  7  THR THR A . n 
A 1 8  LEU 8  8  8  LEU LEU A . n 
A 1 9  GLY 9  9  9  GLY GLY A . n 
A 1 10 ARG 10 10 10 ARG ARG A . n 
A 1 11 ASN 11 11 11 ASN ASN A . n 
A 1 12 CYS 12 12 12 CYS CYS A . n 
A 1 13 TYR 13 13 13 TYR TYR A . n 
A 1 14 ASN 14 14 14 ASN ASN A . n 
A 1 15 LEU 15 15 15 LEU LEU A . n 
A 1 16 CYS 16 16 16 CYS CYS A . n 
A 1 17 ARG 17 17 17 ARG ARG A . n 
A 1 18 VAL 18 18 18 VAL VAL A . n 
A 1 19 ARG 19 19 19 ARG ARG A . n 
A 1 20 GLY 20 20 20 GLY GLY A . n 
A 1 21 ALA 21 21 21 ALA ALA A . n 
A 1 22 GLN 22 22 22 GLN GLN A . n 
A 1 23 LYS 23 23 23 LYS LYS A . n 
A 1 24 LEU 24 24 24 LEU LEU A . n 
A 1 25 CYS 25 25 25 CYS CYS A . n 
A 1 26 ALA 26 26 26 ALA ALA A . n 
A 1 27 ASN 27 27 27 ASN ASN A . n 
A 1 28 ALA 28 28 28 ALA ALA A . n 
A 1 29 CYS 29 29 29 CYS CYS A . n 
A 1 30 ARG 30 30 30 ARG ARG A . n 
A 1 31 CYS 31 31 31 CYS CYS A . n 
A 1 32 LYS 32 32 32 LYS LYS A . n 
A 1 33 LEU 33 33 33 LEU LEU A . n 
A 1 34 THR 34 34 34 THR THR A . n 
A 1 35 SER 35 35 35 SER SER A . n 
A 1 36 GLY 36 36 36 GLY GLY A . n 
A 1 37 LEU 37 37 37 LEU LEU A . n 
A 1 38 LYS 38 38 38 LYS LYS A . n 
A 1 39 CYS 39 39 39 CYS CYS A . n 
A 1 40 PRO 40 40 40 PRO PRO A . n 
A 1 41 SER 41 41 41 SER SER A . n 
A 1 42 SER 42 42 42 SER SER A . n 
A 1 43 PHE 43 43 43 PHE PHE A . n 
A 1 44 PRO 44 44 44 PRO PRO A . n 
A 1 45 LYS 45 45 45 LYS LYS A . n 
B 1 1  LYS 1  51 51 LYS LYS B . n 
B 1 2  SER 2  52 52 SER SER B . n 
B 1 3  CYS 3  53 53 CYS CYS B . n 
B 1 4  CYS 4  54 54 CYS CYS B . n 
B 1 5  ARG 5  55 55 ARG ARG B . n 
B 1 6  SER 6  56 56 SER SER B . n 
B 1 7  THR 7  57 57 THR THR B . n 
B 1 8  LEU 8  58 58 LEU LEU B . n 
B 1 9  GLY 9  59 59 GLY GLY B . n 
B 1 10 ARG 10 60 60 ARG ARG B . n 
B 1 11 ASN 11 61 61 ASN ASN B . n 
B 1 12 CYS 12 62 62 CYS CYS B . n 
B 1 13 TYR 13 63 63 TYR TYR B . n 
B 1 14 ASN 14 64 64 ASN ASN B . n 
B 1 15 LEU 15 65 65 LEU LEU B . n 
B 1 16 CYS 16 66 66 CYS CYS B . n 
B 1 17 ARG 17 67 67 ARG ARG B . n 
B 1 18 VAL 18 68 68 VAL VAL B . n 
B 1 19 ARG 19 69 69 ARG ARG B . n 
B 1 20 GLY 20 70 70 GLY GLY B . n 
B 1 21 ALA 21 71 71 ALA ALA B . n 
B 1 22 GLN 22 72 72 GLN GLN B . n 
B 1 23 LYS 23 73 73 LYS LYS B . n 
B 1 24 LEU 24 74 74 LEU LEU B . n 
B 1 25 CYS 25 75 75 CYS CYS B . n 
B 1 26 ALA 26 76 76 ALA ALA B . n 
B 1 27 ASN 27 77 77 ASN ASN B . n 
B 1 28 ALA 28 78 78 ALA ALA B . n 
B 1 29 CYS 29 79 79 CYS CYS B . n 
B 1 30 ARG 30 80 80 ARG ARG B . n 
B 1 31 CYS 31 81 81 CYS CYS B . n 
B 1 32 LYS 32 82 82 LYS LYS B . n 
B 1 33 LEU 33 83 83 LEU LEU B . n 
B 1 34 THR 34 84 84 THR THR B . n 
B 1 35 SER 35 85 85 SER SER B . n 
B 1 36 GLY 36 86 86 GLY GLY B . n 
B 1 37 LEU 37 87 87 LEU LEU B . n 
B 1 38 LYS 38 88 88 LYS LYS B . n 
B 1 39 CYS 39 89 89 CYS CYS B . n 
B 1 40 PRO 40 90 90 PRO PRO B . n 
B 1 41 SER 41 91 91 SER SER B . n 
B 1 42 SER 42 92 92 SER SER B . n 
B 1 43 PHE 43 93 93 PHE PHE B . n 
B 1 44 PRO 44 94 94 PRO PRO B . n 
B 1 45 LYS 45 95 95 LYS LYS B . n 
# 
loop_
_pdbx_nonpoly_scheme.asym_id 
_pdbx_nonpoly_scheme.entity_id 
_pdbx_nonpoly_scheme.mon_id 
_pdbx_nonpoly_scheme.ndb_seq_num 
_pdbx_nonpoly_scheme.pdb_seq_num 
_pdbx_nonpoly_scheme.auth_seq_num 
_pdbx_nonpoly_scheme.pdb_mon_id 
_pdbx_nonpoly_scheme.auth_mon_id 
_pdbx_nonpoly_scheme.pdb_strand_id 
_pdbx_nonpoly_scheme.pdb_ins_code 
C 2 TSU 1  101 101 TSU TSU A . 
D 3 SER 1  103 103 SER SER A . 
E 2 TSU 1  102 102 TSU TSU B . 
F 3 SER 1  105 105 SER SER B . 
G 4 HOH 1  201 201 HOH HOH A . 
G 4 HOH 2  202 202 HOH HOH A . 
G 4 HOH 3  203 203 HOH HOH A . 
G 4 HOH 4  204 204 HOH HOH A . 
G 4 HOH 5  205 205 HOH HOH A . 
G 4 HOH 6  206 206 HOH HOH A . 
G 4 HOH 7  207 207 HOH HOH A . 
G 4 HOH 8  208 208 HOH HOH A . 
G 4 HOH 9  209 209 HOH HOH A . 
G 4 HOH 10 210 210 HOH HOH A . 
G 4 HOH 11 211 211 HOH HOH A . 
G 4 HOH 12 212 212 HOH HOH A . 
G 4 HOH 13 213 213 HOH HOH A . 
G 4 HOH 14 233 233 HOH HOH A . 
G 4 HOH 15 234 234 HOH HOH A . 
G 4 HOH 16 236 236 HOH HOH A . 
G 4 HOH 17 237 237 HOH HOH A . 
G 4 HOH 18 239 239 HOH HOH A . 
G 4 HOH 19 240 240 HOH HOH A . 
G 4 HOH 20 241 241 HOH HOH A . 
G 4 HOH 21 242 242 HOH HOH A . 
G 4 HOH 22 243 243 HOH HOH A . 
G 4 HOH 23 252 252 HOH HOH A . 
G 4 HOH 24 253 253 HOH HOH A . 
G 4 HOH 25 254 254 HOH HOH A . 
G 4 HOH 26 256 256 HOH HOH A . 
G 4 HOH 27 258 258 HOH HOH A . 
G 4 HOH 28 259 259 HOH HOH A . 
G 4 HOH 29 264 264 HOH HOH A . 
G 4 HOH 30 265 265 HOH HOH A . 
G 4 HOH 31 269 269 HOH HOH A . 
G 4 HOH 32 270 270 HOH HOH A . 
G 4 HOH 33 271 271 HOH HOH A . 
G 4 HOH 34 272 272 HOH HOH A . 
G 4 HOH 35 275 275 HOH HOH A . 
G 4 HOH 36 276 276 HOH HOH A . 
G 4 HOH 37 277 277 HOH HOH A . 
G 4 HOH 38 278 278 HOH HOH A . 
G 4 HOH 39 279 279 HOH HOH A . 
G 4 HOH 40 281 281 HOH HOH A . 
G 4 HOH 41 282 282 HOH HOH A . 
G 4 HOH 42 283 283 HOH HOH A . 
G 4 HOH 43 285 285 HOH HOH A . 
G 4 HOH 44 286 286 HOH HOH A . 
G 4 HOH 45 287 287 HOH HOH A . 
G 4 HOH 46 289 289 HOH HOH A . 
H 4 HOH 1  214 214 HOH HOH B . 
H 4 HOH 2  215 215 HOH HOH B . 
H 4 HOH 3  216 216 HOH HOH B . 
H 4 HOH 4  217 217 HOH HOH B . 
H 4 HOH 5  218 218 HOH HOH B . 
H 4 HOH 6  219 219 HOH HOH B . 
H 4 HOH 7  220 220 HOH HOH B . 
H 4 HOH 8  221 221 HOH HOH B . 
H 4 HOH 9  222 222 HOH HOH B . 
H 4 HOH 10 223 223 HOH HOH B . 
H 4 HOH 11 224 224 HOH HOH B . 
H 4 HOH 12 225 225 HOH HOH B . 
H 4 HOH 13 226 226 HOH HOH B . 
H 4 HOH 14 227 227 HOH HOH B . 
H 4 HOH 15 228 228 HOH HOH B . 
H 4 HOH 16 229 229 HOH HOH B . 
H 4 HOH 17 230 230 HOH HOH B . 
H 4 HOH 18 231 231 HOH HOH B . 
H 4 HOH 19 232 232 HOH HOH B . 
H 4 HOH 20 235 235 HOH HOH B . 
H 4 HOH 21 238 238 HOH HOH B . 
H 4 HOH 22 244 244 HOH HOH B . 
H 4 HOH 23 245 245 HOH HOH B . 
H 4 HOH 24 246 246 HOH HOH B . 
H 4 HOH 25 247 247 HOH HOH B . 
H 4 HOH 26 248 248 HOH HOH B . 
H 4 HOH 27 249 249 HOH HOH B . 
H 4 HOH 28 250 250 HOH HOH B . 
H 4 HOH 29 251 251 HOH HOH B . 
H 4 HOH 30 255 255 HOH HOH B . 
H 4 HOH 31 257 257 HOH HOH B . 
H 4 HOH 32 260 260 HOH HOH B . 
H 4 HOH 33 261 261 HOH HOH B . 
H 4 HOH 34 262 262 HOH HOH B . 
H 4 HOH 35 263 263 HOH HOH B . 
H 4 HOH 36 266 266 HOH HOH B . 
H 4 HOH 37 267 267 HOH HOH B . 
H 4 HOH 38 268 268 HOH HOH B . 
H 4 HOH 39 273 273 HOH HOH B . 
H 4 HOH 40 274 274 HOH HOH B . 
H 4 HOH 41 280 280 HOH HOH B . 
H 4 HOH 42 284 284 HOH HOH B . 
H 4 HOH 43 288 288 HOH HOH B . 
H 4 HOH 44 290 290 HOH HOH B . 
H 4 HOH 45 293 293 HOH HOH B . 
H 4 HOH 46 294 294 HOH HOH B . 
# 
loop_
_software.name 
_software.classification 
_software.version 
_software.citation_id 
_software.pdbx_ordinal 
MADNESS   'data collection' . ? 1 
SCALEPACK 'data scaling'    . ? 2 
AMoRE     phasing           . ? 3 
SHELXL-97 refinement        . ? 4 
MADNESS   'data reduction'  . ? 5 
# 
_cell.entry_id           1WUW 
_cell.length_a           68.660 
_cell.length_b           68.660 
_cell.length_c           47.470 
_cell.angle_alpha        90.00 
_cell.angle_beta         90.00 
_cell.angle_gamma        90.00 
_cell.Z_PDB              16 
_cell.pdbx_unique_axis   ? 
_cell.length_a_esd       ? 
_cell.length_b_esd       ? 
_cell.length_c_esd       ? 
_cell.angle_alpha_esd    ? 
_cell.angle_beta_esd     ? 
_cell.angle_gamma_esd    ? 
# 
_symmetry.entry_id                         1WUW 
_symmetry.space_group_name_H-M             'P 41 21 2' 
_symmetry.pdbx_full_space_group_name_H-M   ? 
_symmetry.cell_setting                     ? 
_symmetry.Int_Tables_number                92 
_symmetry.space_group_name_Hall            ? 
# 
_exptl.entry_id          1WUW 
_exptl.method            'X-RAY DIFFRACTION' 
_exptl.crystals_number   1 
# 
_exptl_crystal.id                    1 
_exptl_crystal.density_meas          ? 
_exptl_crystal.density_Matthews      2.83 
_exptl_crystal.density_percent_sol   56.58 
_exptl_crystal.description           ? 
_exptl_crystal.F_000                 ? 
_exptl_crystal.preparation           ? 
# 
_exptl_crystal_grow.crystal_id      1 
_exptl_crystal_grow.method          'VAPOR DIFFUSION, HANGING DROP' 
_exptl_crystal_grow.temp            289 
_exptl_crystal_grow.temp_details    ? 
_exptl_crystal_grow.pH              5.6 
_exptl_crystal_grow.pdbx_details    
'PEG 2000, citrate, ammonium sulfate, toluene sulfate, pH 5.6, VAPOR DIFFUSION, HANGING DROP, temperature 289K' 
_exptl_crystal_grow.pdbx_pH_range   . 
# 
_diffrn.id                     1 
_diffrn.ambient_temp           298.0 
_diffrn.ambient_temp_details   ? 
_diffrn.crystal_id             1 
# 
_diffrn_detector.diffrn_id              1 
_diffrn_detector.detector               'AREA DETECTOR' 
_diffrn_detector.type                   'ENRAF-NONIUS FAST' 
_diffrn_detector.pdbx_collection_date   1994-06-21 
_diffrn_detector.details                monochromator 
# 
_diffrn_radiation.diffrn_id                        1 
_diffrn_radiation.wavelength_id                    1 
_diffrn_radiation.pdbx_monochromatic_or_laue_m_l   M 
_diffrn_radiation.monochromator                    graphite 
_diffrn_radiation.pdbx_diffrn_protocol             'SINGLE WAVELENGTH' 
_diffrn_radiation.pdbx_scattering_type             x-ray 
# 
_diffrn_radiation_wavelength.id           1 
_diffrn_radiation_wavelength.wavelength   1.5418 
_diffrn_radiation_wavelength.wt           1.0 
# 
_diffrn_source.diffrn_id                   1 
_diffrn_source.source                      'ROTATING ANODE' 
_diffrn_source.type                        'RIGAKU RU200' 
_diffrn_source.pdbx_synchrotron_site       ? 
_diffrn_source.pdbx_synchrotron_beamline   ? 
_diffrn_source.pdbx_wavelength             1.5418 
_diffrn_source.pdbx_wavelength_list        ? 
# 
_reflns.entry_id                     1WUW 
_reflns.observed_criterion_sigma_F   0 
_reflns.observed_criterion_sigma_I   0 
_reflns.d_resolution_high            1.9 
_reflns.d_resolution_low             30 
_reflns.number_all                   8963 
_reflns.number_obs                   8963 
_reflns.percent_possible_obs         99 
_reflns.pdbx_Rmerge_I_obs            0.078 
_reflns.pdbx_Rsym_value              ? 
_reflns.pdbx_netI_over_sigmaI        ? 
_reflns.B_iso_Wilson_estimate        ? 
_reflns.pdbx_redundancy              15.1 
_reflns.R_free_details               ? 
_reflns.limit_h_max                  ? 
_reflns.limit_h_min                  ? 
_reflns.limit_k_max                  ? 
_reflns.limit_k_min                  ? 
_reflns.limit_l_max                  ? 
_reflns.limit_l_min                  ? 
_reflns.observed_criterion_F_max     ? 
_reflns.observed_criterion_F_min     ? 
_reflns.pdbx_chi_squared             ? 
_reflns.pdbx_scaling_rejects         ? 
_reflns.pdbx_ordinal                 1 
_reflns.pdbx_diffrn_id               1 
_reflns.pdbx_CC_half                 ? 
_reflns.pdbx_CC_star                 ? 
_reflns.pdbx_Rpim_I_all              ? 
_reflns.pdbx_Rrim_I_all              ? 
# 
_reflns_shell.d_res_high             1.9 
_reflns_shell.d_res_low              1.95 
_reflns_shell.percent_possible_all   54 
_reflns_shell.Rmerge_I_obs           0.23 
_reflns_shell.pdbx_Rsym_value        ? 
_reflns_shell.meanI_over_sigI_obs    8.1 
_reflns_shell.pdbx_redundancy        12.2 
_reflns_shell.percent_possible_obs   ? 
_reflns_shell.number_unique_all      364 
_reflns_shell.number_measured_all    ? 
_reflns_shell.number_measured_obs    ? 
_reflns_shell.number_unique_obs      ? 
_reflns_shell.pdbx_chi_squared       ? 
_reflns_shell.pdbx_ordinal           1 
_reflns_shell.pdbx_diffrn_id         1 
_reflns_shell.pdbx_CC_half           ? 
_reflns_shell.pdbx_CC_star           ? 
_reflns_shell.pdbx_Rpim_I_all        ? 
_reflns_shell.pdbx_Rrim_I_all        ? 
# 
_refine.entry_id                                 1WUW 
_refine.ls_d_res_high                            1.9 
_refine.ls_d_res_low                             30. 
_refine.pdbx_ls_sigma_F                          0. 
_refine.pdbx_ls_sigma_I                          0. 
_refine.ls_number_reflns_all                     8963 
_refine.ls_number_reflns_obs                     8963 
_refine.ls_number_reflns_R_free                  465 
_refine.ls_percent_reflns_obs                    93.0 
_refine.ls_R_factor_all                          ? 
_refine.ls_R_factor_obs                          0.172 
_refine.ls_R_factor_R_work                       0.172 
_refine.ls_R_factor_R_free                       0.212 
_refine.ls_redundancy_reflns_obs                 ? 
_refine.pdbx_data_cutoff_high_absF               ? 
_refine.pdbx_data_cutoff_low_absF                ? 
_refine.ls_number_parameters                     ? 
_refine.ls_number_restraints                     ? 
_refine.ls_percent_reflns_R_free                 ? 
_refine.ls_R_factor_R_free_error                 ? 
_refine.ls_R_factor_R_free_error_details         ? 
_refine.pdbx_method_to_determine_struct          'MOLECULAR REPLACEMENT' 
_refine.pdbx_starting_model                      1bhp 
_refine.pdbx_ls_cross_valid_method               THROUGHOUT 
_refine.pdbx_R_Free_selection_details            random 
_refine.pdbx_stereochem_target_val_spec_case     ? 
_refine.pdbx_stereochemistry_target_values       'Engh & Huber' 
_refine.solvent_model_details                    ? 
_refine.solvent_model_param_bsol                 ? 
_refine.solvent_model_param_ksol                 ? 
_refine.occupancy_max                            ? 
_refine.occupancy_min                            ? 
_refine.pdbx_isotropic_thermal_model             ? 
_refine.B_iso_mean                               ? 
_refine.aniso_B[1][1]                            ? 
_refine.aniso_B[1][2]                            ? 
_refine.aniso_B[1][3]                            ? 
_refine.aniso_B[2][2]                            ? 
_refine.aniso_B[2][3]                            ? 
_refine.aniso_B[3][3]                            ? 
_refine.details                                  ? 
_refine.B_iso_min                                ? 
_refine.B_iso_max                                ? 
_refine.correlation_coeff_Fo_to_Fc               ? 
_refine.correlation_coeff_Fo_to_Fc_free          ? 
_refine.pdbx_solvent_vdw_probe_radii             ? 
_refine.pdbx_solvent_ion_probe_radii             ? 
_refine.pdbx_solvent_shrinkage_radii             ? 
_refine.overall_SU_R_Cruickshank_DPI             ? 
_refine.overall_SU_R_free                        ? 
_refine.overall_SU_B                             ? 
_refine.overall_SU_ML                            ? 
_refine.pdbx_overall_ESU_R                       ? 
_refine.pdbx_overall_ESU_R_Free                  ? 
_refine.pdbx_data_cutoff_high_rms_absF           ? 
_refine.ls_wR_factor_R_free                      ? 
_refine.ls_wR_factor_R_work                      ? 
_refine.overall_FOM_free_R_set                   ? 
_refine.overall_FOM_work_R_set                   ? 
_refine.pdbx_refine_id                           'X-RAY DIFFRACTION' 
_refine.pdbx_overall_phase_error                 ? 
_refine.pdbx_diffrn_id                           1 
_refine.pdbx_TLS_residual_ADP_flag               ? 
_refine.pdbx_overall_SU_R_free_Cruickshank_DPI   ? 
_refine.pdbx_overall_SU_R_Blow_DPI               ? 
_refine.pdbx_overall_SU_R_free_Blow_DPI          ? 
# 
_refine_hist.pdbx_refine_id                   'X-RAY DIFFRACTION' 
_refine_hist.cycle_id                         LAST 
_refine_hist.pdbx_number_atoms_protein        674 
_refine_hist.pdbx_number_atoms_nucleic_acid   0 
_refine_hist.pdbx_number_atoms_ligand         36 
_refine_hist.number_atoms_solvent             92 
_refine_hist.number_atoms_total               802 
_refine_hist.d_res_high                       1.9 
_refine_hist.d_res_low                        30. 
# 
loop_
_refine_ls_restr.type 
_refine_ls_restr.dev_ideal 
_refine_ls_restr.dev_ideal_target 
_refine_ls_restr.weight 
_refine_ls_restr.number 
_refine_ls_restr.pdbx_refine_id 
_refine_ls_restr.pdbx_restraint_function 
s_bond_d  0.017 ? ? ? 'X-RAY DIFFRACTION' ? 
s_angle_d 0.032 ? ? ? 'X-RAY DIFFRACTION' ? 
# 
_refine_ls_shell.pdbx_total_number_of_bins_used   ? 
_refine_ls_shell.d_res_high                       1.9 
_refine_ls_shell.d_res_low                        1.95 
_refine_ls_shell.number_reflns_R_work             ? 
_refine_ls_shell.R_factor_R_work                  0.22 
_refine_ls_shell.percent_reflns_obs               54 
_refine_ls_shell.R_factor_R_free                  0.34 
_refine_ls_shell.R_factor_R_free_error            ? 
_refine_ls_shell.percent_reflns_R_free            ? 
_refine_ls_shell.number_reflns_R_free             18 
_refine_ls_shell.number_reflns_obs                364 
_refine_ls_shell.redundancy_reflns_obs            ? 
_refine_ls_shell.number_reflns_all                ? 
_refine_ls_shell.R_factor_all                     ? 
_refine_ls_shell.pdbx_refine_id                   'X-RAY DIFFRACTION' 
_refine_ls_shell.R_factor_obs                     ? 
# 
_struct.entry_id                  1WUW 
_struct.title                     'Crystal Structure of beta hordothionin' 
_struct.pdbx_model_details        ? 
_struct.pdbx_CASP_flag            ? 
_struct.pdbx_model_type_details   ? 
# 
_struct_keywords.entry_id        1WUW 
_struct_keywords.pdbx_keywords   'PLANT PROTEIN' 
_struct_keywords.text            'crambin fold, dimer, PLANT PROTEIN' 
# 
loop_
_struct_asym.id 
_struct_asym.pdbx_blank_PDB_chainid_flag 
_struct_asym.pdbx_modified 
_struct_asym.entity_id 
_struct_asym.details 
A N N 1 ? 
B N N 1 ? 
C N N 2 ? 
D N N 3 ? 
E N N 2 ? 
F N N 3 ? 
G N N 4 ? 
H N N 4 ? 
# 
_struct_ref.id                         1 
_struct_ref.db_name                    UNP 
_struct_ref.db_code                    THNB_HORVU 
_struct_ref.pdbx_db_accession          P21742 
_struct_ref.entity_id                  1 
_struct_ref.pdbx_seq_one_letter_code   KSCCRSTLGRNCYNLCRVRGAQKLCANACRCKLTSGLKCPSSFPK 
_struct_ref.pdbx_align_begin           28 
_struct_ref.pdbx_db_isoform            ? 
# 
loop_
_struct_ref_seq.align_id 
_struct_ref_seq.ref_id 
_struct_ref_seq.pdbx_PDB_id_code 
_struct_ref_seq.pdbx_strand_id 
_struct_ref_seq.seq_align_beg 
_struct_ref_seq.pdbx_seq_align_beg_ins_code 
_struct_ref_seq.seq_align_end 
_struct_ref_seq.pdbx_seq_align_end_ins_code 
_struct_ref_seq.pdbx_db_accession 
_struct_ref_seq.db_align_beg 
_struct_ref_seq.pdbx_db_align_beg_ins_code 
_struct_ref_seq.db_align_end 
_struct_ref_seq.pdbx_db_align_end_ins_code 
_struct_ref_seq.pdbx_auth_seq_align_beg 
_struct_ref_seq.pdbx_auth_seq_align_end 
1 1 1WUW A 1 ? 45 ? P21742 28 ? 72 ? 1  45 
2 1 1WUW B 1 ? 45 ? P21742 28 ? 72 ? 51 95 
# 
_pdbx_struct_assembly.id                   1 
_pdbx_struct_assembly.details              author_and_software_defined_assembly 
_pdbx_struct_assembly.method_details       PISA 
_pdbx_struct_assembly.oligomeric_details   dimeric 
_pdbx_struct_assembly.oligomeric_count     2 
# 
loop_
_pdbx_struct_assembly_prop.biol_id 
_pdbx_struct_assembly_prop.type 
_pdbx_struct_assembly_prop.value 
_pdbx_struct_assembly_prop.details 
1 'ABSA (A^2)' 1350 ? 
1 MORE         -7   ? 
1 'SSA (A^2)'  5970 ? 
# 
_pdbx_struct_assembly_gen.assembly_id       1 
_pdbx_struct_assembly_gen.oper_expression   1 
_pdbx_struct_assembly_gen.asym_id_list      A,B,C,D,E,F,G,H 
# 
_pdbx_struct_oper_list.id                   1 
_pdbx_struct_oper_list.type                 'identity operation' 
_pdbx_struct_oper_list.name                 1_555 
_pdbx_struct_oper_list.symmetry_operation   x,y,z 
_pdbx_struct_oper_list.matrix[1][1]         1.0000000000 
_pdbx_struct_oper_list.matrix[1][2]         0.0000000000 
_pdbx_struct_oper_list.matrix[1][3]         0.0000000000 
_pdbx_struct_oper_list.vector[1]            0.0000000000 
_pdbx_struct_oper_list.matrix[2][1]         0.0000000000 
_pdbx_struct_oper_list.matrix[2][2]         1.0000000000 
_pdbx_struct_oper_list.matrix[2][3]         0.0000000000 
_pdbx_struct_oper_list.vector[2]            0.0000000000 
_pdbx_struct_oper_list.matrix[3][1]         0.0000000000 
_pdbx_struct_oper_list.matrix[3][2]         0.0000000000 
_pdbx_struct_oper_list.matrix[3][3]         1.0000000000 
_pdbx_struct_oper_list.vector[3]            0.0000000000 
# 
loop_
_struct_conf.conf_type_id 
_struct_conf.id 
_struct_conf.pdbx_PDB_helix_id 
_struct_conf.beg_label_comp_id 
_struct_conf.beg_label_asym_id 
_struct_conf.beg_label_seq_id 
_struct_conf.pdbx_beg_PDB_ins_code 
_struct_conf.end_label_comp_id 
_struct_conf.end_label_asym_id 
_struct_conf.end_label_seq_id 
_struct_conf.pdbx_end_PDB_ins_code 
_struct_conf.beg_auth_comp_id 
_struct_conf.beg_auth_asym_id 
_struct_conf.beg_auth_seq_id 
_struct_conf.end_auth_comp_id 
_struct_conf.end_auth_asym_id 
_struct_conf.end_auth_seq_id 
_struct_conf.pdbx_PDB_helix_class 
_struct_conf.details 
_struct_conf.pdbx_PDB_helix_length 
HELX_P HELX_P1 1 SER A 6  ? ARG A 17 ? SER A 6  ARG A 17 1 ? 12 
HELX_P HELX_P2 2 ALA A 21 ? ARG A 30 ? ALA A 21 ARG A 30 1 ? 10 
HELX_P HELX_P3 3 SER B 6  ? ARG B 17 ? SER B 56 ARG B 67 1 ? 12 
HELX_P HELX_P4 4 ALA B 21 ? ARG B 30 ? ALA B 71 ARG B 80 1 ? 10 
# 
_struct_conf_type.id          HELX_P 
_struct_conf_type.criteria    ? 
_struct_conf_type.reference   ? 
# 
loop_
_struct_conn.id 
_struct_conn.conn_type_id 
_struct_conn.pdbx_leaving_atom_flag 
_struct_conn.pdbx_PDB_id 
_struct_conn.ptnr1_label_asym_id 
_struct_conn.ptnr1_label_comp_id 
_struct_conn.ptnr1_label_seq_id 
_struct_conn.ptnr1_label_atom_id 
_struct_conn.pdbx_ptnr1_label_alt_id 
_struct_conn.pdbx_ptnr1_PDB_ins_code 
_struct_conn.pdbx_ptnr1_standard_comp_id 
_struct_conn.ptnr1_symmetry 
_struct_conn.ptnr2_label_asym_id 
_struct_conn.ptnr2_label_comp_id 
_struct_conn.ptnr2_label_seq_id 
_struct_conn.ptnr2_label_atom_id 
_struct_conn.pdbx_ptnr2_label_alt_id 
_struct_conn.pdbx_ptnr2_PDB_ins_code 
_struct_conn.ptnr1_auth_asym_id 
_struct_conn.ptnr1_auth_comp_id 
_struct_conn.ptnr1_auth_seq_id 
_struct_conn.ptnr2_auth_asym_id 
_struct_conn.ptnr2_auth_comp_id 
_struct_conn.ptnr2_auth_seq_id 
_struct_conn.ptnr2_symmetry 
_struct_conn.pdbx_ptnr3_label_atom_id 
_struct_conn.pdbx_ptnr3_label_seq_id 
_struct_conn.pdbx_ptnr3_label_comp_id 
_struct_conn.pdbx_ptnr3_label_asym_id 
_struct_conn.pdbx_ptnr3_label_alt_id 
_struct_conn.pdbx_ptnr3_PDB_ins_code 
_struct_conn.details 
_struct_conn.pdbx_dist_value 
_struct_conn.pdbx_value_order 
_struct_conn.pdbx_role 
disulf1 disulf ? ? A CYS 3  SG ? ? ? 1_555 A CYS 39 SG ? ? A CYS 3  A CYS 39 1_555 ? ? ? ? ? ? ? 2.043 ? ? 
disulf2 disulf ? ? A CYS 4  SG ? ? ? 1_555 A CYS 31 SG ? ? A CYS 4  A CYS 31 1_555 ? ? ? ? ? ? ? 2.043 ? ? 
disulf3 disulf ? ? A CYS 12 SG ? ? ? 1_555 A CYS 29 SG ? ? A CYS 12 A CYS 29 1_555 ? ? ? ? ? ? ? 2.010 ? ? 
disulf4 disulf ? ? A CYS 16 SG ? ? ? 1_555 A CYS 25 SG ? ? A CYS 16 A CYS 25 1_555 ? ? ? ? ? ? ? 2.025 ? ? 
disulf5 disulf ? ? B CYS 3  SG ? ? ? 1_555 B CYS 39 SG ? ? B CYS 53 B CYS 89 1_555 ? ? ? ? ? ? ? 2.026 ? ? 
disulf6 disulf ? ? B CYS 4  SG ? ? ? 1_555 B CYS 31 SG ? ? B CYS 54 B CYS 81 1_555 ? ? ? ? ? ? ? 2.055 ? ? 
disulf7 disulf ? ? B CYS 12 SG ? ? ? 1_555 B CYS 29 SG ? ? B CYS 62 B CYS 79 1_555 ? ? ? ? ? ? ? 2.018 ? ? 
disulf8 disulf ? ? B CYS 16 SG ? ? ? 1_555 B CYS 25 SG ? ? B CYS 66 B CYS 75 1_555 ? ? ? ? ? ? ? 2.018 ? ? 
# 
_struct_conn_type.id          disulf 
_struct_conn_type.criteria    ? 
_struct_conn_type.reference   ? 
# 
loop_
_pdbx_modification_feature.ordinal 
_pdbx_modification_feature.label_comp_id 
_pdbx_modification_feature.label_asym_id 
_pdbx_modification_feature.label_seq_id 
_pdbx_modification_feature.label_alt_id 
_pdbx_modification_feature.modified_residue_label_comp_id 
_pdbx_modification_feature.modified_residue_label_asym_id 
_pdbx_modification_feature.modified_residue_label_seq_id 
_pdbx_modification_feature.modified_residue_label_alt_id 
_pdbx_modification_feature.auth_comp_id 
_pdbx_modification_feature.auth_asym_id 
_pdbx_modification_feature.auth_seq_id 
_pdbx_modification_feature.PDB_ins_code 
_pdbx_modification_feature.symmetry 
_pdbx_modification_feature.modified_residue_auth_comp_id 
_pdbx_modification_feature.modified_residue_auth_asym_id 
_pdbx_modification_feature.modified_residue_auth_seq_id 
_pdbx_modification_feature.modified_residue_PDB_ins_code 
_pdbx_modification_feature.modified_residue_symmetry 
_pdbx_modification_feature.comp_id_linking_atom 
_pdbx_modification_feature.modified_residue_id_linking_atom 
_pdbx_modification_feature.modified_residue_id 
_pdbx_modification_feature.ref_pcm_id 
_pdbx_modification_feature.ref_comp_id 
_pdbx_modification_feature.type 
_pdbx_modification_feature.category 
1 CYS A 3  ? CYS A 39 ? CYS A 3  ? 1_555 CYS A 39 ? 1_555 SG SG . . . None 'Disulfide bridge' 
2 CYS A 4  ? CYS A 31 ? CYS A 4  ? 1_555 CYS A 31 ? 1_555 SG SG . . . None 'Disulfide bridge' 
3 CYS A 12 ? CYS A 29 ? CYS A 12 ? 1_555 CYS A 29 ? 1_555 SG SG . . . None 'Disulfide bridge' 
4 CYS A 16 ? CYS A 25 ? CYS A 16 ? 1_555 CYS A 25 ? 1_555 SG SG . . . None 'Disulfide bridge' 
5 CYS B 3  ? CYS B 39 ? CYS B 53 ? 1_555 CYS B 89 ? 1_555 SG SG . . . None 'Disulfide bridge' 
6 CYS B 4  ? CYS B 31 ? CYS B 54 ? 1_555 CYS B 81 ? 1_555 SG SG . . . None 'Disulfide bridge' 
7 CYS B 12 ? CYS B 29 ? CYS B 62 ? 1_555 CYS B 79 ? 1_555 SG SG . . . None 'Disulfide bridge' 
8 CYS B 16 ? CYS B 25 ? CYS B 66 ? 1_555 CYS B 75 ? 1_555 SG SG . . . None 'Disulfide bridge' 
# 
loop_
_struct_sheet.id 
_struct_sheet.type 
_struct_sheet.number_strands 
_struct_sheet.details 
A ? 2 ? 
B ? 2 ? 
# 
loop_
_struct_sheet_order.sheet_id 
_struct_sheet_order.range_id_1 
_struct_sheet_order.range_id_2 
_struct_sheet_order.offset 
_struct_sheet_order.sense 
A 1 2 ? anti-parallel 
B 1 2 ? anti-parallel 
# 
loop_
_struct_sheet_range.sheet_id 
_struct_sheet_range.id 
_struct_sheet_range.beg_label_comp_id 
_struct_sheet_range.beg_label_asym_id 
_struct_sheet_range.beg_label_seq_id 
_struct_sheet_range.pdbx_beg_PDB_ins_code 
_struct_sheet_range.end_label_comp_id 
_struct_sheet_range.end_label_asym_id 
_struct_sheet_range.end_label_seq_id 
_struct_sheet_range.pdbx_end_PDB_ins_code 
_struct_sheet_range.beg_auth_comp_id 
_struct_sheet_range.beg_auth_asym_id 
_struct_sheet_range.beg_auth_seq_id 
_struct_sheet_range.end_auth_comp_id 
_struct_sheet_range.end_auth_asym_id 
_struct_sheet_range.end_auth_seq_id 
A 1 SER A 2  ? CYS A 3  ? SER A 2  CYS A 3  
A 2 LYS A 32 ? LEU A 33 ? LYS A 32 LEU A 33 
B 1 SER B 2  ? CYS B 3  ? SER B 52 CYS B 53 
B 2 LYS B 32 ? LEU B 33 ? LYS B 82 LEU B 83 
# 
loop_
_pdbx_struct_sheet_hbond.sheet_id 
_pdbx_struct_sheet_hbond.range_id_1 
_pdbx_struct_sheet_hbond.range_id_2 
_pdbx_struct_sheet_hbond.range_1_label_atom_id 
_pdbx_struct_sheet_hbond.range_1_label_comp_id 
_pdbx_struct_sheet_hbond.range_1_label_asym_id 
_pdbx_struct_sheet_hbond.range_1_label_seq_id 
_pdbx_struct_sheet_hbond.range_1_PDB_ins_code 
_pdbx_struct_sheet_hbond.range_1_auth_atom_id 
_pdbx_struct_sheet_hbond.range_1_auth_comp_id 
_pdbx_struct_sheet_hbond.range_1_auth_asym_id 
_pdbx_struct_sheet_hbond.range_1_auth_seq_id 
_pdbx_struct_sheet_hbond.range_2_label_atom_id 
_pdbx_struct_sheet_hbond.range_2_label_comp_id 
_pdbx_struct_sheet_hbond.range_2_label_asym_id 
_pdbx_struct_sheet_hbond.range_2_label_seq_id 
_pdbx_struct_sheet_hbond.range_2_PDB_ins_code 
_pdbx_struct_sheet_hbond.range_2_auth_atom_id 
_pdbx_struct_sheet_hbond.range_2_auth_comp_id 
_pdbx_struct_sheet_hbond.range_2_auth_asym_id 
_pdbx_struct_sheet_hbond.range_2_auth_seq_id 
A 1 2 N CYS A 3 ? N CYS A 3  O LYS A 32 ? O LYS A 32 
B 1 2 N CYS B 3 ? N CYS B 53 O LYS B 32 ? O LYS B 82 
# 
loop_
_struct_site.id 
_struct_site.pdbx_evidence_code 
_struct_site.pdbx_auth_asym_id 
_struct_site.pdbx_auth_comp_id 
_struct_site.pdbx_auth_seq_id 
_struct_site.pdbx_auth_ins_code 
_struct_site.pdbx_num_residues 
_struct_site.details 
AC1 Software A TSU 101 ? 10 'BINDING SITE FOR RESIDUE TSU A 101' 
AC2 Software B TSU 102 ? 12 'BINDING SITE FOR RESIDUE TSU B 102' 
AC3 Software A SER 103 ? 4  'BINDING SITE FOR RESIDUE SER A 103' 
AC4 Software B SER 105 ? 4  'BINDING SITE FOR RESIDUE SER B 105' 
# 
loop_
_struct_site_gen.id 
_struct_site_gen.site_id 
_struct_site_gen.pdbx_num_res 
_struct_site_gen.label_comp_id 
_struct_site_gen.label_asym_id 
_struct_site_gen.label_seq_id 
_struct_site_gen.pdbx_auth_ins_code 
_struct_site_gen.auth_comp_id 
_struct_site_gen.auth_asym_id 
_struct_site_gen.auth_seq_id 
_struct_site_gen.label_atom_id 
_struct_site_gen.label_alt_id 
_struct_site_gen.symmetry 
_struct_site_gen.details 
1  AC1 10 ARG A 5  ? ARG A 5   . ? 1_555 ? 
2  AC1 10 SER A 6  ? SER A 6   . ? 1_555 ? 
3  AC1 10 LEU A 8  ? LEU A 8   . ? 1_555 ? 
4  AC1 10 GLY A 9  ? GLY A 9   . ? 1_555 ? 
5  AC1 10 ARG A 30 ? ARG A 30  . ? 1_555 ? 
6  AC1 10 HOH G .  ? HOH A 203 . ? 1_555 ? 
7  AC1 10 ARG B 19 ? ARG B 69  . ? 4_564 ? 
8  AC1 10 ALA B 28 ? ALA B 78  . ? 1_555 ? 
9  AC1 10 ARG B 30 ? ARG B 80  . ? 1_555 ? 
10 AC1 10 TSU E .  ? TSU B 102 . ? 1_555 ? 
11 AC2 12 ALA A 28 ? ALA A 28  . ? 1_555 ? 
12 AC2 12 ARG A 30 ? ARG A 30  . ? 1_555 ? 
13 AC2 12 TSU C .  ? TSU A 101 . ? 1_555 ? 
14 AC2 12 ARG B 5  ? ARG B 55  . ? 1_555 ? 
15 AC2 12 SER B 6  ? SER B 56  . ? 1_555 ? 
16 AC2 12 LEU B 8  ? LEU B 58  . ? 1_555 ? 
17 AC2 12 GLY B 9  ? GLY B 59  . ? 1_555 ? 
18 AC2 12 VAL B 18 ? VAL B 68  . ? 4_564 ? 
19 AC2 12 CYS B 29 ? CYS B 79  . ? 1_555 ? 
20 AC2 12 ARG B 30 ? ARG B 80  . ? 1_555 ? 
21 AC2 12 HOH H .  ? HOH B 216 . ? 1_555 ? 
22 AC2 12 HOH H .  ? HOH B 224 . ? 4_564 ? 
23 AC3 4  SER A 2  ? SER A 2   . ? 1_555 ? 
24 AC3 4  TYR A 13 ? TYR A 13  . ? 1_555 ? 
25 AC3 4  ARG A 17 ? ARG A 17  . ? 1_555 ? 
26 AC3 4  GLN A 22 ? GLN A 22  . ? 1_555 ? 
27 AC4 4  LYS B 1  ? LYS B 51  . ? 1_555 ? 
28 AC4 4  SER B 2  ? SER B 52  . ? 1_555 ? 
29 AC4 4  TYR B 13 ? TYR B 63  . ? 1_555 ? 
30 AC4 4  ARG B 17 ? ARG B 67  . ? 1_555 ? 
# 
_pdbx_entry_details.entry_id                   1WUW 
_pdbx_entry_details.compound_details           ? 
_pdbx_entry_details.source_details             ? 
_pdbx_entry_details.nonpolymer_details         ? 
_pdbx_entry_details.sequence_details           ? 
_pdbx_entry_details.has_ligand_of_interest     ? 
_pdbx_entry_details.has_protein_modification   Y 
# 
loop_
_pdbx_validate_rmsd_angle.id 
_pdbx_validate_rmsd_angle.PDB_model_num 
_pdbx_validate_rmsd_angle.auth_atom_id_1 
_pdbx_validate_rmsd_angle.auth_asym_id_1 
_pdbx_validate_rmsd_angle.auth_comp_id_1 
_pdbx_validate_rmsd_angle.auth_seq_id_1 
_pdbx_validate_rmsd_angle.PDB_ins_code_1 
_pdbx_validate_rmsd_angle.label_alt_id_1 
_pdbx_validate_rmsd_angle.auth_atom_id_2 
_pdbx_validate_rmsd_angle.auth_asym_id_2 
_pdbx_validate_rmsd_angle.auth_comp_id_2 
_pdbx_validate_rmsd_angle.auth_seq_id_2 
_pdbx_validate_rmsd_angle.PDB_ins_code_2 
_pdbx_validate_rmsd_angle.label_alt_id_2 
_pdbx_validate_rmsd_angle.auth_atom_id_3 
_pdbx_validate_rmsd_angle.auth_asym_id_3 
_pdbx_validate_rmsd_angle.auth_comp_id_3 
_pdbx_validate_rmsd_angle.auth_seq_id_3 
_pdbx_validate_rmsd_angle.PDB_ins_code_3 
_pdbx_validate_rmsd_angle.label_alt_id_3 
_pdbx_validate_rmsd_angle.angle_value 
_pdbx_validate_rmsd_angle.angle_target_value 
_pdbx_validate_rmsd_angle.angle_deviation 
_pdbx_validate_rmsd_angle.angle_standard_deviation 
_pdbx_validate_rmsd_angle.linker_flag 
1 1 CD A ARG 30 ? ? NE A ARG 30 ? ? CZ  A ARG 30 ? ? 132.70 123.60 9.10  1.40 N 
2 1 NE A ARG 30 ? ? CZ A ARG 30 ? ? NH1 A ARG 30 ? ? 125.38 120.30 5.08  0.50 N 
3 1 NE A ARG 30 ? ? CZ A ARG 30 ? ? NH2 A ARG 30 ? ? 116.16 120.30 -4.14 0.50 N 
4 1 NE B ARG 60 ? ? CZ B ARG 60 ? ? NH1 B ARG 60 ? ? 116.99 120.30 -3.31 0.50 N 
# 
_pdbx_validate_planes.id              1 
_pdbx_validate_planes.PDB_model_num   1 
_pdbx_validate_planes.auth_comp_id    ASN 
_pdbx_validate_planes.auth_asym_id    B 
_pdbx_validate_planes.auth_seq_id     61 
_pdbx_validate_planes.PDB_ins_code    ? 
_pdbx_validate_planes.label_alt_id    A 
_pdbx_validate_planes.rmsd            0.090 
_pdbx_validate_planes.type            'SIDE CHAIN' 
# 
loop_
_pdbx_struct_special_symmetry.id 
_pdbx_struct_special_symmetry.PDB_model_num 
_pdbx_struct_special_symmetry.auth_asym_id 
_pdbx_struct_special_symmetry.auth_comp_id 
_pdbx_struct_special_symmetry.auth_seq_id 
_pdbx_struct_special_symmetry.PDB_ins_code 
_pdbx_struct_special_symmetry.label_asym_id 
_pdbx_struct_special_symmetry.label_comp_id 
_pdbx_struct_special_symmetry.label_seq_id 
1 1 A HOH 256 ? G HOH . 
2 1 A HOH 275 ? G HOH . 
# 
loop_
_chem_comp_atom.comp_id 
_chem_comp_atom.atom_id 
_chem_comp_atom.type_symbol 
_chem_comp_atom.pdbx_aromatic_flag 
_chem_comp_atom.pdbx_stereo_config 
_chem_comp_atom.pdbx_ordinal 
ALA N    N N N 1   
ALA CA   C N S 2   
ALA C    C N N 3   
ALA O    O N N 4   
ALA CB   C N N 5   
ALA OXT  O N N 6   
ALA H    H N N 7   
ALA H2   H N N 8   
ALA HA   H N N 9   
ALA HB1  H N N 10  
ALA HB2  H N N 11  
ALA HB3  H N N 12  
ALA HXT  H N N 13  
ARG N    N N N 14  
ARG CA   C N S 15  
ARG C    C N N 16  
ARG O    O N N 17  
ARG CB   C N N 18  
ARG CG   C N N 19  
ARG CD   C N N 20  
ARG NE   N N N 21  
ARG CZ   C N N 22  
ARG NH1  N N N 23  
ARG NH2  N N N 24  
ARG OXT  O N N 25  
ARG H    H N N 26  
ARG H2   H N N 27  
ARG HA   H N N 28  
ARG HB2  H N N 29  
ARG HB3  H N N 30  
ARG HG2  H N N 31  
ARG HG3  H N N 32  
ARG HD2  H N N 33  
ARG HD3  H N N 34  
ARG HE   H N N 35  
ARG HH11 H N N 36  
ARG HH12 H N N 37  
ARG HH21 H N N 38  
ARG HH22 H N N 39  
ARG HXT  H N N 40  
ASN N    N N N 41  
ASN CA   C N S 42  
ASN C    C N N 43  
ASN O    O N N 44  
ASN CB   C N N 45  
ASN CG   C N N 46  
ASN OD1  O N N 47  
ASN ND2  N N N 48  
ASN OXT  O N N 49  
ASN H    H N N 50  
ASN H2   H N N 51  
ASN HA   H N N 52  
ASN HB2  H N N 53  
ASN HB3  H N N 54  
ASN HD21 H N N 55  
ASN HD22 H N N 56  
ASN HXT  H N N 57  
CYS N    N N N 58  
CYS CA   C N R 59  
CYS C    C N N 60  
CYS O    O N N 61  
CYS CB   C N N 62  
CYS SG   S N N 63  
CYS OXT  O N N 64  
CYS H    H N N 65  
CYS H2   H N N 66  
CYS HA   H N N 67  
CYS HB2  H N N 68  
CYS HB3  H N N 69  
CYS HG   H N N 70  
CYS HXT  H N N 71  
GLN N    N N N 72  
GLN CA   C N S 73  
GLN C    C N N 74  
GLN O    O N N 75  
GLN CB   C N N 76  
GLN CG   C N N 77  
GLN CD   C N N 78  
GLN OE1  O N N 79  
GLN NE2  N N N 80  
GLN OXT  O N N 81  
GLN H    H N N 82  
GLN H2   H N N 83  
GLN HA   H N N 84  
GLN HB2  H N N 85  
GLN HB3  H N N 86  
GLN HG2  H N N 87  
GLN HG3  H N N 88  
GLN HE21 H N N 89  
GLN HE22 H N N 90  
GLN HXT  H N N 91  
GLY N    N N N 92  
GLY CA   C N N 93  
GLY C    C N N 94  
GLY O    O N N 95  
GLY OXT  O N N 96  
GLY H    H N N 97  
GLY H2   H N N 98  
GLY HA2  H N N 99  
GLY HA3  H N N 100 
GLY HXT  H N N 101 
HOH O    O N N 102 
HOH H1   H N N 103 
HOH H2   H N N 104 
LEU N    N N N 105 
LEU CA   C N S 106 
LEU C    C N N 107 
LEU O    O N N 108 
LEU CB   C N N 109 
LEU CG   C N N 110 
LEU CD1  C N N 111 
LEU CD2  C N N 112 
LEU OXT  O N N 113 
LEU H    H N N 114 
LEU H2   H N N 115 
LEU HA   H N N 116 
LEU HB2  H N N 117 
LEU HB3  H N N 118 
LEU HG   H N N 119 
LEU HD11 H N N 120 
LEU HD12 H N N 121 
LEU HD13 H N N 122 
LEU HD21 H N N 123 
LEU HD22 H N N 124 
LEU HD23 H N N 125 
LEU HXT  H N N 126 
LYS N    N N N 127 
LYS CA   C N S 128 
LYS C    C N N 129 
LYS O    O N N 130 
LYS CB   C N N 131 
LYS CG   C N N 132 
LYS CD   C N N 133 
LYS CE   C N N 134 
LYS NZ   N N N 135 
LYS OXT  O N N 136 
LYS H    H N N 137 
LYS H2   H N N 138 
LYS HA   H N N 139 
LYS HB2  H N N 140 
LYS HB3  H N N 141 
LYS HG2  H N N 142 
LYS HG3  H N N 143 
LYS HD2  H N N 144 
LYS HD3  H N N 145 
LYS HE2  H N N 146 
LYS HE3  H N N 147 
LYS HZ1  H N N 148 
LYS HZ2  H N N 149 
LYS HZ3  H N N 150 
LYS HXT  H N N 151 
PHE N    N N N 152 
PHE CA   C N S 153 
PHE C    C N N 154 
PHE O    O N N 155 
PHE CB   C N N 156 
PHE CG   C Y N 157 
PHE CD1  C Y N 158 
PHE CD2  C Y N 159 
PHE CE1  C Y N 160 
PHE CE2  C Y N 161 
PHE CZ   C Y N 162 
PHE OXT  O N N 163 
PHE H    H N N 164 
PHE H2   H N N 165 
PHE HA   H N N 166 
PHE HB2  H N N 167 
PHE HB3  H N N 168 
PHE HD1  H N N 169 
PHE HD2  H N N 170 
PHE HE1  H N N 171 
PHE HE2  H N N 172 
PHE HZ   H N N 173 
PHE HXT  H N N 174 
PRO N    N N N 175 
PRO CA   C N S 176 
PRO C    C N N 177 
PRO O    O N N 178 
PRO CB   C N N 179 
PRO CG   C N N 180 
PRO CD   C N N 181 
PRO OXT  O N N 182 
PRO H    H N N 183 
PRO HA   H N N 184 
PRO HB2  H N N 185 
PRO HB3  H N N 186 
PRO HG2  H N N 187 
PRO HG3  H N N 188 
PRO HD2  H N N 189 
PRO HD3  H N N 190 
PRO HXT  H N N 191 
SER N    N N N 192 
SER CA   C N S 193 
SER C    C N N 194 
SER O    O N N 195 
SER CB   C N N 196 
SER OG   O N N 197 
SER OXT  O N N 198 
SER H    H N N 199 
SER H2   H N N 200 
SER HA   H N N 201 
SER HB2  H N N 202 
SER HB3  H N N 203 
SER HG   H N N 204 
SER HXT  H N N 205 
THR N    N N N 206 
THR CA   C N S 207 
THR C    C N N 208 
THR O    O N N 209 
THR CB   C N R 210 
THR OG1  O N N 211 
THR CG2  C N N 212 
THR OXT  O N N 213 
THR H    H N N 214 
THR H2   H N N 215 
THR HA   H N N 216 
THR HB   H N N 217 
THR HG1  H N N 218 
THR HG21 H N N 219 
THR HG22 H N N 220 
THR HG23 H N N 221 
THR HXT  H N N 222 
TSU S    S N N 223 
TSU O1   O N N 224 
TSU O2   O N N 225 
TSU O3   O N N 226 
TSU C1   C Y N 227 
TSU C2   C Y N 228 
TSU C3   C Y N 229 
TSU C4   C Y N 230 
TSU C5   C Y N 231 
TSU C6   C Y N 232 
TSU C7   C N N 233 
TSU HO3  H N N 234 
TSU H2   H N N 235 
TSU H3   H N N 236 
TSU H5   H N N 237 
TSU H6   H N N 238 
TSU H71  H N N 239 
TSU H72  H N N 240 
TSU H73  H N N 241 
TYR N    N N N 242 
TYR CA   C N S 243 
TYR C    C N N 244 
TYR O    O N N 245 
TYR CB   C N N 246 
TYR CG   C Y N 247 
TYR CD1  C Y N 248 
TYR CD2  C Y N 249 
TYR CE1  C Y N 250 
TYR CE2  C Y N 251 
TYR CZ   C Y N 252 
TYR OH   O N N 253 
TYR OXT  O N N 254 
TYR H    H N N 255 
TYR H2   H N N 256 
TYR HA   H N N 257 
TYR HB2  H N N 258 
TYR HB3  H N N 259 
TYR HD1  H N N 260 
TYR HD2  H N N 261 
TYR HE1  H N N 262 
TYR HE2  H N N 263 
TYR HH   H N N 264 
TYR HXT  H N N 265 
VAL N    N N N 266 
VAL CA   C N S 267 
VAL C    C N N 268 
VAL O    O N N 269 
VAL CB   C N N 270 
VAL CG1  C N N 271 
VAL CG2  C N N 272 
VAL OXT  O N N 273 
VAL H    H N N 274 
VAL H2   H N N 275 
VAL HA   H N N 276 
VAL HB   H N N 277 
VAL HG11 H N N 278 
VAL HG12 H N N 279 
VAL HG13 H N N 280 
VAL HG21 H N N 281 
VAL HG22 H N N 282 
VAL HG23 H N N 283 
VAL HXT  H N N 284 
# 
loop_
_chem_comp_bond.comp_id 
_chem_comp_bond.atom_id_1 
_chem_comp_bond.atom_id_2 
_chem_comp_bond.value_order 
_chem_comp_bond.pdbx_aromatic_flag 
_chem_comp_bond.pdbx_stereo_config 
_chem_comp_bond.pdbx_ordinal 
ALA N   CA   sing N N 1   
ALA N   H    sing N N 2   
ALA N   H2   sing N N 3   
ALA CA  C    sing N N 4   
ALA CA  CB   sing N N 5   
ALA CA  HA   sing N N 6   
ALA C   O    doub N N 7   
ALA C   OXT  sing N N 8   
ALA CB  HB1  sing N N 9   
ALA CB  HB2  sing N N 10  
ALA CB  HB3  sing N N 11  
ALA OXT HXT  sing N N 12  
ARG N   CA   sing N N 13  
ARG N   H    sing N N 14  
ARG N   H2   sing N N 15  
ARG CA  C    sing N N 16  
ARG CA  CB   sing N N 17  
ARG CA  HA   sing N N 18  
ARG C   O    doub N N 19  
ARG C   OXT  sing N N 20  
ARG CB  CG   sing N N 21  
ARG CB  HB2  sing N N 22  
ARG CB  HB3  sing N N 23  
ARG CG  CD   sing N N 24  
ARG CG  HG2  sing N N 25  
ARG CG  HG3  sing N N 26  
ARG CD  NE   sing N N 27  
ARG CD  HD2  sing N N 28  
ARG CD  HD3  sing N N 29  
ARG NE  CZ   sing N N 30  
ARG NE  HE   sing N N 31  
ARG CZ  NH1  sing N N 32  
ARG CZ  NH2  doub N N 33  
ARG NH1 HH11 sing N N 34  
ARG NH1 HH12 sing N N 35  
ARG NH2 HH21 sing N N 36  
ARG NH2 HH22 sing N N 37  
ARG OXT HXT  sing N N 38  
ASN N   CA   sing N N 39  
ASN N   H    sing N N 40  
ASN N   H2   sing N N 41  
ASN CA  C    sing N N 42  
ASN CA  CB   sing N N 43  
ASN CA  HA   sing N N 44  
ASN C   O    doub N N 45  
ASN C   OXT  sing N N 46  
ASN CB  CG   sing N N 47  
ASN CB  HB2  sing N N 48  
ASN CB  HB3  sing N N 49  
ASN CG  OD1  doub N N 50  
ASN CG  ND2  sing N N 51  
ASN ND2 HD21 sing N N 52  
ASN ND2 HD22 sing N N 53  
ASN OXT HXT  sing N N 54  
CYS N   CA   sing N N 55  
CYS N   H    sing N N 56  
CYS N   H2   sing N N 57  
CYS CA  C    sing N N 58  
CYS CA  CB   sing N N 59  
CYS CA  HA   sing N N 60  
CYS C   O    doub N N 61  
CYS C   OXT  sing N N 62  
CYS CB  SG   sing N N 63  
CYS CB  HB2  sing N N 64  
CYS CB  HB3  sing N N 65  
CYS SG  HG   sing N N 66  
CYS OXT HXT  sing N N 67  
GLN N   CA   sing N N 68  
GLN N   H    sing N N 69  
GLN N   H2   sing N N 70  
GLN CA  C    sing N N 71  
GLN CA  CB   sing N N 72  
GLN CA  HA   sing N N 73  
GLN C   O    doub N N 74  
GLN C   OXT  sing N N 75  
GLN CB  CG   sing N N 76  
GLN CB  HB2  sing N N 77  
GLN CB  HB3  sing N N 78  
GLN CG  CD   sing N N 79  
GLN CG  HG2  sing N N 80  
GLN CG  HG3  sing N N 81  
GLN CD  OE1  doub N N 82  
GLN CD  NE2  sing N N 83  
GLN NE2 HE21 sing N N 84  
GLN NE2 HE22 sing N N 85  
GLN OXT HXT  sing N N 86  
GLY N   CA   sing N N 87  
GLY N   H    sing N N 88  
GLY N   H2   sing N N 89  
GLY CA  C    sing N N 90  
GLY CA  HA2  sing N N 91  
GLY CA  HA3  sing N N 92  
GLY C   O    doub N N 93  
GLY C   OXT  sing N N 94  
GLY OXT HXT  sing N N 95  
HOH O   H1   sing N N 96  
HOH O   H2   sing N N 97  
LEU N   CA   sing N N 98  
LEU N   H    sing N N 99  
LEU N   H2   sing N N 100 
LEU CA  C    sing N N 101 
LEU CA  CB   sing N N 102 
LEU CA  HA   sing N N 103 
LEU C   O    doub N N 104 
LEU C   OXT  sing N N 105 
LEU CB  CG   sing N N 106 
LEU CB  HB2  sing N N 107 
LEU CB  HB3  sing N N 108 
LEU CG  CD1  sing N N 109 
LEU CG  CD2  sing N N 110 
LEU CG  HG   sing N N 111 
LEU CD1 HD11 sing N N 112 
LEU CD1 HD12 sing N N 113 
LEU CD1 HD13 sing N N 114 
LEU CD2 HD21 sing N N 115 
LEU CD2 HD22 sing N N 116 
LEU CD2 HD23 sing N N 117 
LEU OXT HXT  sing N N 118 
LYS N   CA   sing N N 119 
LYS N   H    sing N N 120 
LYS N   H2   sing N N 121 
LYS CA  C    sing N N 122 
LYS CA  CB   sing N N 123 
LYS CA  HA   sing N N 124 
LYS C   O    doub N N 125 
LYS C   OXT  sing N N 126 
LYS CB  CG   sing N N 127 
LYS CB  HB2  sing N N 128 
LYS CB  HB3  sing N N 129 
LYS CG  CD   sing N N 130 
LYS CG  HG2  sing N N 131 
LYS CG  HG3  sing N N 132 
LYS CD  CE   sing N N 133 
LYS CD  HD2  sing N N 134 
LYS CD  HD3  sing N N 135 
LYS CE  NZ   sing N N 136 
LYS CE  HE2  sing N N 137 
LYS CE  HE3  sing N N 138 
LYS NZ  HZ1  sing N N 139 
LYS NZ  HZ2  sing N N 140 
LYS NZ  HZ3  sing N N 141 
LYS OXT HXT  sing N N 142 
PHE N   CA   sing N N 143 
PHE N   H    sing N N 144 
PHE N   H2   sing N N 145 
PHE CA  C    sing N N 146 
PHE CA  CB   sing N N 147 
PHE CA  HA   sing N N 148 
PHE C   O    doub N N 149 
PHE C   OXT  sing N N 150 
PHE CB  CG   sing N N 151 
PHE CB  HB2  sing N N 152 
PHE CB  HB3  sing N N 153 
PHE CG  CD1  doub Y N 154 
PHE CG  CD2  sing Y N 155 
PHE CD1 CE1  sing Y N 156 
PHE CD1 HD1  sing N N 157 
PHE CD2 CE2  doub Y N 158 
PHE CD2 HD2  sing N N 159 
PHE CE1 CZ   doub Y N 160 
PHE CE1 HE1  sing N N 161 
PHE CE2 CZ   sing Y N 162 
PHE CE2 HE2  sing N N 163 
PHE CZ  HZ   sing N N 164 
PHE OXT HXT  sing N N 165 
PRO N   CA   sing N N 166 
PRO N   CD   sing N N 167 
PRO N   H    sing N N 168 
PRO CA  C    sing N N 169 
PRO CA  CB   sing N N 170 
PRO CA  HA   sing N N 171 
PRO C   O    doub N N 172 
PRO C   OXT  sing N N 173 
PRO CB  CG   sing N N 174 
PRO CB  HB2  sing N N 175 
PRO CB  HB3  sing N N 176 
PRO CG  CD   sing N N 177 
PRO CG  HG2  sing N N 178 
PRO CG  HG3  sing N N 179 
PRO CD  HD2  sing N N 180 
PRO CD  HD3  sing N N 181 
PRO OXT HXT  sing N N 182 
SER N   CA   sing N N 183 
SER N   H    sing N N 184 
SER N   H2   sing N N 185 
SER CA  C    sing N N 186 
SER CA  CB   sing N N 187 
SER CA  HA   sing N N 188 
SER C   O    doub N N 189 
SER C   OXT  sing N N 190 
SER CB  OG   sing N N 191 
SER CB  HB2  sing N N 192 
SER CB  HB3  sing N N 193 
SER OG  HG   sing N N 194 
SER OXT HXT  sing N N 195 
THR N   CA   sing N N 196 
THR N   H    sing N N 197 
THR N   H2   sing N N 198 
THR CA  C    sing N N 199 
THR CA  CB   sing N N 200 
THR CA  HA   sing N N 201 
THR C   O    doub N N 202 
THR C   OXT  sing N N 203 
THR CB  OG1  sing N N 204 
THR CB  CG2  sing N N 205 
THR CB  HB   sing N N 206 
THR OG1 HG1  sing N N 207 
THR CG2 HG21 sing N N 208 
THR CG2 HG22 sing N N 209 
THR CG2 HG23 sing N N 210 
THR OXT HXT  sing N N 211 
TSU S   O1   doub N N 212 
TSU S   O2   doub N N 213 
TSU S   O3   sing N N 214 
TSU S   C1   sing N N 215 
TSU O3  HO3  sing N N 216 
TSU C1  C2   doub Y N 217 
TSU C1  C6   sing Y N 218 
TSU C2  C3   sing Y N 219 
TSU C2  H2   sing N N 220 
TSU C3  C4   doub Y N 221 
TSU C3  H3   sing N N 222 
TSU C4  C5   sing Y N 223 
TSU C4  C7   sing N N 224 
TSU C5  C6   doub Y N 225 
TSU C5  H5   sing N N 226 
TSU C6  H6   sing N N 227 
TSU C7  H71  sing N N 228 
TSU C7  H72  sing N N 229 
TSU C7  H73  sing N N 230 
TYR N   CA   sing N N 231 
TYR N   H    sing N N 232 
TYR N   H2   sing N N 233 
TYR CA  C    sing N N 234 
TYR CA  CB   sing N N 235 
TYR CA  HA   sing N N 236 
TYR C   O    doub N N 237 
TYR C   OXT  sing N N 238 
TYR CB  CG   sing N N 239 
TYR CB  HB2  sing N N 240 
TYR CB  HB3  sing N N 241 
TYR CG  CD1  doub Y N 242 
TYR CG  CD2  sing Y N 243 
TYR CD1 CE1  sing Y N 244 
TYR CD1 HD1  sing N N 245 
TYR CD2 CE2  doub Y N 246 
TYR CD2 HD2  sing N N 247 
TYR CE1 CZ   doub Y N 248 
TYR CE1 HE1  sing N N 249 
TYR CE2 CZ   sing Y N 250 
TYR CE2 HE2  sing N N 251 
TYR CZ  OH   sing N N 252 
TYR OH  HH   sing N N 253 
TYR OXT HXT  sing N N 254 
VAL N   CA   sing N N 255 
VAL N   H    sing N N 256 
VAL N   H2   sing N N 257 
VAL CA  C    sing N N 258 
VAL CA  CB   sing N N 259 
VAL CA  HA   sing N N 260 
VAL C   O    doub N N 261 
VAL C   OXT  sing N N 262 
VAL CB  CG1  sing N N 263 
VAL CB  CG2  sing N N 264 
VAL CB  HB   sing N N 265 
VAL CG1 HG11 sing N N 266 
VAL CG1 HG12 sing N N 267 
VAL CG1 HG13 sing N N 268 
VAL CG2 HG21 sing N N 269 
VAL CG2 HG22 sing N N 270 
VAL CG2 HG23 sing N N 271 
VAL OXT HXT  sing N N 272 
# 
_pdbx_initial_refinement_model.id               1 
_pdbx_initial_refinement_model.entity_id_list   ? 
_pdbx_initial_refinement_model.type             'experimental model' 
_pdbx_initial_refinement_model.source_name      PDB 
_pdbx_initial_refinement_model.accession_code   1BHP 
_pdbx_initial_refinement_model.details          ? 
# 
_atom_sites.entry_id                    1WUW 
_atom_sites.fract_transf_matrix[1][1]   0.00830939 
_atom_sites.fract_transf_matrix[1][2]   0.00423040 
_atom_sites.fract_transf_matrix[1][3]   0.01118915 
_atom_sites.fract_transf_matrix[2][1]   0.01035915 
_atom_sites.fract_transf_matrix[2][2]   0.00426784 
_atom_sites.fract_transf_matrix[2][3]   -0.00930659 
_atom_sites.fract_transf_matrix[3][1]   -0.00865166 
_atom_sites.fract_transf_matrix[3][2]   0.01918947 
_atom_sites.fract_transf_matrix[3][3]   -0.00083019 
_atom_sites.fract_transf_vector[1]      0.832615 
_atom_sites.fract_transf_vector[2]      0.383630 
_atom_sites.fract_transf_vector[3]      0.261570 
# 
loop_
_atom_type.symbol 
C 
N 
O 
S 
# 
loop_
_atom_site.group_PDB 
_atom_site.id 
_atom_site.type_symbol 
_atom_site.label_atom_id 
_atom_site.label_alt_id 
_atom_site.label_comp_id 
_atom_site.label_asym_id 
_atom_site.label_entity_id 
_atom_site.label_seq_id 
_atom_site.pdbx_PDB_ins_code 
_atom_site.Cartn_x 
_atom_site.Cartn_y 
_atom_site.Cartn_z 
_atom_site.occupancy 
_atom_site.B_iso_or_equiv 
_atom_site.pdbx_formal_charge 
_atom_site.auth_seq_id 
_atom_site.auth_comp_id 
_atom_site.auth_asym_id 
_atom_site.auth_atom_id 
_atom_site.pdbx_PDB_model_num 
ATOM   1   N N   . LYS A 1 1  ? -10.938 11.771  -8.232  1.00 26.41  ? 1   LYS A N   1 
ATOM   2   C CA  . LYS A 1 1  ? -10.722 10.451  -8.823  1.00 27.95  ? 1   LYS A CA  1 
ATOM   3   C C   . LYS A 1 1  ? -9.357  9.907   -8.411  1.00 26.09  ? 1   LYS A C   1 
ATOM   4   O O   . LYS A 1 1  ? -8.431  10.716  -8.288  1.00 23.65  ? 1   LYS A O   1 
ATOM   5   C CB  . LYS A 1 1  ? -10.854 10.609  -10.324 1.00 30.28  ? 1   LYS A CB  1 
ATOM   6   C CG  . LYS A 1 1  ? -10.787 9.351   -11.165 1.00 33.65  ? 1   LYS A CG  1 
ATOM   7   C CD  . LYS A 1 1  ? -11.245 9.673   -12.584 1.00 45.66  ? 1   LYS A CD  1 
ATOM   8   C CE  . LYS A 1 1  ? -11.034 8.496   -13.524 1.00 56.26  ? 1   LYS A CE  1 
ATOM   9   N NZ  . LYS A 1 1  ? -10.936 7.213   -12.774 1.00 85.68  ? 1   LYS A NZ  1 
ATOM   10  N N   . SER A 1 2  ? -9.223  8.599   -8.197  1.00 25.60  ? 2   SER A N   1 
ATOM   11  C CA  . SER A 1 2  ? -7.929  7.970   -7.962  1.00 16.68  ? 2   SER A CA  1 
ATOM   12  C C   . SER A 1 2  ? -7.427  7.250   -9.214  1.00 19.92  ? 2   SER A C   1 
ATOM   13  O O   . SER A 1 2  ? -8.171  6.566   -9.928  1.00 21.46  ? 2   SER A O   1 
ATOM   14  C CB  . SER A 1 2  ? -7.977  6.964   -6.803  1.00 17.45  ? 2   SER A CB  1 
ATOM   15  O OG  . SER A 1 2  ? -8.803  5.857   -7.128  1.00 18.82  ? 2   SER A OG  1 
ATOM   16  N N   . CYS A 1 3  ? -6.142  7.385   -9.477  1.00 15.83  ? 3   CYS A N   1 
ATOM   17  C CA  . CYS A 1 3  ? -5.442  6.809   -10.615 1.00 17.23  ? 3   CYS A CA  1 
ATOM   18  C C   . CYS A 1 3  ? -4.185  6.083   -10.167 1.00 20.08  ? 3   CYS A C   1 
ATOM   19  O O   . CYS A 1 3  ? -3.290  6.679   -9.563  1.00 19.79  ? 3   CYS A O   1 
ATOM   20  C CB  . CYS A 1 3  ? -5.021  7.909   -11.597 1.00 20.86  ? 3   CYS A CB  1 
ATOM   21  S SG  . CYS A 1 3  ? -6.349  9.071   -12.008 1.00 25.40  ? 3   CYS A SG  1 
ATOM   22  N N   . CYS A 1 4  ? -4.086  4.803   -10.485 1.00 15.25  ? 4   CYS A N   1 
ATOM   23  C CA  . CYS A 1 4  ? -2.991  3.993   -9.959  1.00 15.80  ? 4   CYS A CA  1 
ATOM   24  C C   . CYS A 1 4  ? -2.107  3.475   -11.079 1.00 23.90  ? 4   CYS A C   1 
ATOM   25  O O   . CYS A 1 4  ? -2.453  3.469   -12.259 1.00 23.09  ? 4   CYS A O   1 
ATOM   26  C CB  . CYS A 1 4  ? -3.568  2.845   -9.103  1.00 15.89  ? 4   CYS A CB  1 
ATOM   27  S SG  . CYS A 1 4  ? -4.344  3.510   -7.603  1.00 16.75  ? 4   CYS A SG  1 
ATOM   28  N N   . ARG A 1 5  ? -0.907  3.021   -10.756 1.00 24.47  ? 5   ARG A N   1 
ATOM   29  C CA  . ARG A 1 5  ? 0.062   2.696   -11.791 1.00 22.67  ? 5   ARG A CA  1 
ATOM   30  C C   . ARG A 1 5  ? -0.112  1.294   -12.333 1.00 28.49  ? 5   ARG A C   1 
ATOM   31  O O   . ARG A 1 5  ? 0.341   1.015   -13.434 1.00 27.75  ? 5   ARG A O   1 
ATOM   32  C CB  . ARG A 1 5  ? 1.483   2.780   -11.222 1.00 24.30  ? 5   ARG A CB  1 
ATOM   33  C CG  . ARG A 1 5  ? 1.880   4.182   -10.792 1.00 27.09  ? 5   ARG A CG  1 
ATOM   34  C CD  . ARG A 1 5  ? 3.157   4.120   -9.943  1.00 25.19  ? 5   ARG A CD  1 
ATOM   35  N NE  . ARG A 1 5  ? 3.268   5.365   -9.181  1.00 28.52  ? 5   ARG A NE  1 
ATOM   36  C CZ  . ARG A 1 5  ? 4.225   6.264   -9.356  1.00 42.91  ? 5   ARG A CZ  1 
ATOM   37  N NH1 . ARG A 1 5  ? 5.149   6.025   -10.279 1.00 53.11  ? 5   ARG A NH1 1 
ATOM   38  N NH2 . ARG A 1 5  ? 4.263   7.373   -8.626  1.00 54.55  ? 5   ARG A NH2 1 
ATOM   39  N N   . SER A 1 6  ? -0.741  0.462   -11.505 1.00 21.84  ? 6   SER A N   1 
ATOM   40  C CA  . SER A 1 6  ? -0.795  -0.954  -11.818 1.00 18.28  ? 6   SER A CA  1 
ATOM   41  C C   . SER A 1 6  ? -1.966  -1.597  -11.111 1.00 16.53  ? 6   SER A C   1 
ATOM   42  O O   . SER A 1 6  ? -2.637  -0.967  -10.301 1.00 16.99  ? 6   SER A O   1 
ATOM   43  C CB  . SER A 1 6  ? 0.501   -1.649  -11.376 1.00 20.67  ? 6   SER A CB  1 
ATOM   44  O OG  . SER A 1 6  ? 0.612   -1.563  -9.959  1.00 17.22  ? 6   SER A OG  1 
ATOM   45  N N   . THR A 1 7  ? -2.232  -2.869  -11.433 1.00 17.53  ? 7   THR A N   1 
ATOM   46  C CA  . THR A 1 7  ? -3.324  -3.590  -10.777 1.00 22.49  ? 7   THR A CA  1 
ATOM   47  C C   . THR A 1 7  ? -3.003  -3.762  -9.300  1.00 21.21  ? 7   THR A C   1 
ATOM   48  O O   . THR A 1 7  ? -3.877  -3.693  -8.449  1.00 14.10  ? 7   THR A O   1 
ATOM   49  C CB  . THR A 1 7  ? -3.506  -4.951  -11.483 1.00 28.30  ? 7   THR A CB  1 
ATOM   50  O OG1 . THR A 1 7  ? -4.144  -4.653  -12.741 1.00 39.03  ? 7   THR A OG1 1 
ATOM   51  C CG2 . THR A 1 7  ? -4.420  -5.882  -10.725 1.00 36.81  ? 7   THR A CG2 1 
ATOM   52  N N   . LEU A 1 8  ? -1.717  -3.987  -9.005  1.00 13.74  ? 8   LEU A N   1 
ATOM   53  C CA  . LEU A 1 8  ? -1.293  -4.171  -7.617  1.00 17.83  ? 8   LEU A CA  1 
ATOM   54  C C   . LEU A 1 8  ? -1.504  -2.875  -6.827  1.00 11.79  ? 8   LEU A C   1 
ATOM   55  O O   . LEU A 1 8  ? -1.830  -2.922  -5.644  1.00 12.16  ? 8   LEU A O   1 
ATOM   56  C CB  . LEU A 1 8  ? 0.167   -4.598  -7.547  1.00 18.35  ? 8   LEU A CB  1 
ATOM   57  C CG  . LEU A 1 8  ? 0.445   -6.060  -7.934  1.00 21.05  ? 8   LEU A CG  1 
ATOM   58  C CD1 . LEU A 1 8  ? 1.943   -6.305  -7.989  1.00 28.48  ? 8   LEU A CD1 1 
ATOM   59  C CD2 . LEU A 1 8  ? -0.243  -6.989  -6.957  1.00 24.51  ? 8   LEU A CD2 1 
ATOM   60  N N   . GLY A 1 9  ? -1.295  -1.748  -7.495  1.00 12.86  ? 9   GLY A N   1 
ATOM   61  C CA  . GLY A 1 9  ? -1.486  -0.433  -6.901  1.00 15.74  ? 9   GLY A CA  1 
ATOM   62  C C   . GLY A 1 9  ? -2.952  -0.160  -6.645  1.00 20.82  ? 9   GLY A C   1 
ATOM   63  O O   . GLY A 1 9  ? -3.324  0.413   -5.628  1.00 11.73  ? 9   GLY A O   1 
ATOM   64  N N   . ARG A 1 10 ? -3.820  -0.557  -7.571  1.00 13.41  ? 10  ARG A N   1 
ATOM   65  C CA  . ARG A 1 10 ? -5.256  -0.409  -7.386  1.00 12.94  ? 10  ARG A CA  1 
ATOM   66  C C   . ARG A 1 10 ? -5.741  -1.249  -6.210  1.00 12.30  ? 10  ARG A C   1 
ATOM   67  O O   . ARG A 1 10 ? -6.556  -0.796  -5.397  1.00 13.28  ? 10  ARG A O   1 
ATOM   68  C CB  . ARG A 1 10 ? -5.954  -0.820  -8.704  1.00 14.20  ? 10  ARG A CB  1 
ATOM   69  C CG  . ARG A 1 10 ? -7.465  -0.855  -8.604  1.00 12.83  ? 10  ARG A CG  1 
ATOM   70  C CD  . ARG A 1 10 ? -8.043  0.447   -8.108  1.00 12.80  ? 10  ARG A CD  1 
ATOM   71  N NE  . ARG A 1 10 ? -7.730  1.595   -8.963  1.00 15.08  ? 10  ARG A NE  1 
ATOM   72  C CZ  . ARG A 1 10 ? -8.037  2.827   -8.560  1.00 22.11  ? 10  ARG A CZ  1 
ATOM   73  N NH1 . ARG A 1 10 ? -8.621  2.975   -7.380  1.00 20.68  ? 10  ARG A NH1 1 
ATOM   74  N NH2 . ARG A 1 10 ? -7.773  3.886   -9.300  1.00 26.70  ? 10  ARG A NH2 1 
ATOM   75  N N   . ASN A 1 11 ? -5.240  -2.490  -6.141  1.00 9.93   ? 11  ASN A N   1 
ATOM   76  C CA  . ASN A 1 11 ? -5.600  -3.378  -5.015  1.00 12.05  ? 11  ASN A CA  1 
ATOM   77  C C   . ASN A 1 11 ? -5.181  -2.743  -3.688  1.00 15.69  ? 11  ASN A C   1 
ATOM   78  O O   . ASN A 1 11 ? -5.929  -2.669  -2.698  1.00 10.43  ? 11  ASN A O   1 
ATOM   79  C CB  . ASN A 1 11 ? -4.939  -4.749  -5.151  1.00 13.09  ? 11  ASN A CB  1 
ATOM   80  C CG  . ASN A 1 11 ? -5.382  -5.704  -4.053  1.00 18.36  ? 11  ASN A CG  1 
ATOM   81  O OD1 . ASN A 1 11 ? -6.591  -5.947  -3.932  1.00 20.18  ? 11  ASN A OD1 1 
ATOM   82  N ND2 . ASN A 1 11 ? -4.430  -6.199  -3.274  1.00 15.33  ? 11  ASN A ND2 1 
ATOM   83  N N   . CYS A 1 12 ? -3.938  -2.259  -3.677  1.00 11.64  ? 12  CYS A N   1 
ATOM   84  C CA  . CYS A 1 12 ? -3.374  -1.573  -2.504  1.00 10.78  ? 12  CYS A CA  1 
ATOM   85  C C   . CYS A 1 12 ? -4.324  -0.474  -2.069  1.00 8.72   ? 12  CYS A C   1 
ATOM   86  O O   . CYS A 1 12 ? -4.738  -0.326  -0.925  1.00 12.28  ? 12  CYS A O   1 
ATOM   87  C CB  . CYS A 1 12 ? -1.994  -1.003  -2.871  1.00 11.94  ? 12  CYS A CB  1 
ATOM   88  S SG  . CYS A 1 12 ? -1.112  -0.115  -1.555  1.00 13.25  ? 12  CYS A SG  1 
ATOM   89  N N   . TYR A 1 13 ? -4.654  0.385   -3.025  1.00 10.71  ? 13  TYR A N   1 
ATOM   90  C CA  . TYR A 1 13 ? -5.467  1.563   -2.733  1.00 12.41  ? 13  TYR A CA  1 
ATOM   91  C C   . TYR A 1 13 ? -6.841  1.181   -2.203  1.00 15.96  ? 13  TYR A C   1 
ATOM   92  O O   . TYR A 1 13 ? -7.316  1.753   -1.213  1.00 9.11   ? 13  TYR A O   1 
ATOM   93  C CB  . TYR A 1 13 ? -5.597  2.426   -3.996  1.00 15.05  ? 13  TYR A CB  1 
ATOM   94  C CG  . TYR A 1 13 ? -6.374  3.707   -3.755  1.00 17.52  ? 13  TYR A CG  1 
ATOM   95  C CD1 . TYR A 1 13 ? -7.723  3.822   -4.083  1.00 17.94  ? 13  TYR A CD1 1 
ATOM   96  C CD2 . TYR A 1 13 ? -5.756  4.818   -3.189  1.00 17.28  ? 13  TYR A CD2 1 
ATOM   97  C CE1 . TYR A 1 13 ? -8.432  4.996   -3.861  1.00 19.91  ? 13  TYR A CE1 1 
ATOM   98  C CE2 . TYR A 1 13 ? -6.457  5.989   -2.963  1.00 15.68  ? 13  TYR A CE2 1 
ATOM   99  C CZ  . TYR A 1 13 ? -7.792  6.077   -3.297  1.00 19.01  ? 13  TYR A CZ  1 
ATOM   100 O OH  . TYR A 1 13 ? -8.457  7.260   -3.057  1.00 16.31  ? 13  TYR A OH  1 
ATOM   101 N N   . ASN A 1 14 ? -7.494  0.232   -2.868  1.00 14.84  ? 14  ASN A N   1 
ATOM   102 C CA  . ASN A 1 14 ? -8.843  -0.197  -2.441  1.00 16.24  ? 14  ASN A CA  1 
ATOM   103 C C   . ASN A 1 14 ? -8.821  -0.771  -1.038  1.00 15.46  ? 14  ASN A C   1 
ATOM   104 O O   . ASN A 1 14 ? -9.716  -0.542  -0.207  1.00 16.75  ? 14  ASN A O   1 
ATOM   105 C CB  . ASN A 1 14 ? -9.413  -1.175  -3.478  1.00 13.56  ? 14  ASN A CB  1 
ATOM   106 C CG  . ASN A 1 14 ? -9.811  -0.492  -4.764  1.00 18.70  ? 14  ASN A CG  1 
ATOM   107 O OD1 . ASN A 1 14 ? -9.767  0.736   -4.818  1.00 19.56  ? 14  ASN A OD1 1 
ATOM   108 N ND2 . ASN A 1 14 ? -10.160 -1.238  -5.802  1.00 22.45  ? 14  ASN A ND2 1 
ATOM   109 N N   A LEU A 1 15 ? -7.787  -1.560  -0.714  0.59 11.90  ? 15  LEU A N   1 
ATOM   110 N N   B LEU A 1 15 ? -7.774  -1.548  -0.733  0.41 11.88  ? 15  LEU A N   1 
ATOM   111 C CA  A LEU A 1 15 ? -7.706  -2.119  0.630   0.59 10.29  ? 15  LEU A CA  1 
ATOM   112 C CA  B LEU A 1 15 ? -7.656  -2.144  0.600   0.41 10.76  ? 15  LEU A CA  1 
ATOM   113 C C   A LEU A 1 15 ? -7.429  -1.012  1.644   0.59 14.34  ? 15  LEU A C   1 
ATOM   114 C C   B LEU A 1 15 ? -7.361  -1.080  1.652   0.41 14.30  ? 15  LEU A C   1 
ATOM   115 O O   A LEU A 1 15 ? -8.083  -0.940  2.684   0.59 15.56  ? 15  LEU A O   1 
ATOM   116 O O   B LEU A 1 15 ? -7.953  -1.072  2.731   0.41 13.94  ? 15  LEU A O   1 
ATOM   117 C CB  A LEU A 1 15 ? -6.615  -3.182  0.767   0.59 9.90   ? 15  LEU A CB  1 
ATOM   118 C CB  B LEU A 1 15 ? -6.567  -3.217  0.667   0.41 11.46  ? 15  LEU A CB  1 
ATOM   119 C CG  A LEU A 1 15 ? -6.960  -4.609  0.326   0.59 14.70  ? 15  LEU A CG  1 
ATOM   120 C CG  B LEU A 1 15 ? -7.024  -4.660  0.419   0.41 14.10  ? 15  LEU A CG  1 
ATOM   121 C CD1 A LEU A 1 15 ? -5.710  -5.459  0.151   0.59 13.06  ? 15  LEU A CD1 1 
ATOM   122 C CD1 B LEU A 1 15 ? -7.629  -4.777  -0.969  0.41 9.46   ? 15  LEU A CD1 1 
ATOM   123 C CD2 A LEU A 1 15 ? -7.898  -5.269  1.326   0.59 13.69  ? 15  LEU A CD2 1 
ATOM   124 C CD2 B LEU A 1 15 ? -5.882  -5.648  0.588   0.41 14.46  ? 15  LEU A CD2 1 
ATOM   125 N N   . CYS A 1 16 ? -6.440  -0.177  1.327   1.00 12.07  ? 16  CYS A N   1 
ATOM   126 C CA  . CYS A 1 16 ? -6.076  0.893   2.272   1.00 11.20  ? 16  CYS A CA  1 
ATOM   127 C C   . CYS A 1 16 ? -7.280  1.740   2.639   1.00 15.15  ? 16  CYS A C   1 
ATOM   128 O O   . CYS A 1 16 ? -7.391  2.219   3.772   1.00 15.24  ? 16  CYS A O   1 
ATOM   129 C CB  . CYS A 1 16 ? -4.975  1.735   1.617   1.00 15.37  ? 16  CYS A CB  1 
ATOM   130 S SG  . CYS A 1 16 ? -4.419  3.132   2.625   1.00 15.93  ? 16  CYS A SG  1 
ATOM   131 N N   . ARG A 1 17 ? -8.161  1.960   1.662   1.00 14.37  ? 17  ARG A N   1 
ATOM   132 C CA  . ARG A 1 17 ? -9.276  2.879   1.715   1.00 12.59  ? 17  ARG A CA  1 
ATOM   133 C C   . ARG A 1 17 ? -10.404 2.354   2.613   1.00 15.20  ? 17  ARG A C   1 
ATOM   134 O O   . ARG A 1 17 ? -11.374 3.055   2.903   1.00 17.93  ? 17  ARG A O   1 
ATOM   135 C CB  . ARG A 1 17 ? -9.868  3.175   0.328   1.00 12.90  ? 17  ARG A CB  1 
ATOM   136 C CG  . ARG A 1 17 ? -9.141  4.225   -0.482  1.00 15.65  ? 17  ARG A CG  1 
ATOM   137 C CD  . ARG A 1 17 ? -9.205  5.627   0.117   1.00 23.82  ? 17  ARG A CD  1 
ATOM   138 N NE  . ARG A 1 17 ? -10.471 6.260   -0.224  1.00 22.67  ? 17  ARG A NE  1 
ATOM   139 C CZ  . ARG A 1 17 ? -11.342 6.799   0.613   1.00 27.96  ? 17  ARG A CZ  1 
ATOM   140 N NH1 . ARG A 1 17 ? -11.161 6.835   1.926   1.00 23.59  ? 17  ARG A NH1 1 
ATOM   141 N NH2 . ARG A 1 17 ? -12.447 7.329   0.105   1.00 25.99  ? 17  ARG A NH2 1 
ATOM   142 N N   . VAL A 1 18 ? -10.285 1.101   3.058   1.00 12.01  ? 18  VAL A N   1 
ATOM   143 C CA  . VAL A 1 18 ? -11.332 0.600   3.955   1.00 11.97  ? 18  VAL A CA  1 
ATOM   144 C C   . VAL A 1 18 ? -11.360 1.477   5.205   1.00 22.77  ? 18  VAL A C   1 
ATOM   145 O O   . VAL A 1 18 ? -12.425 1.814   5.729   1.00 21.25  ? 18  VAL A O   1 
ATOM   146 C CB  . VAL A 1 18 ? -11.094 -0.878  4.311   1.00 13.59  ? 18  VAL A CB  1 
ATOM   147 C CG1 . VAL A 1 18 ? -12.021 -1.324  5.441   1.00 20.05  ? 18  VAL A CG1 1 
ATOM   148 C CG2 . VAL A 1 18 ? -11.309 -1.783  3.100   1.00 12.63  ? 18  VAL A CG2 1 
ATOM   149 N N   . ARG A 1 19 ? -10.179 1.874   5.690   1.00 17.39  ? 19  ARG A N   1 
ATOM   150 C CA  . ARG A 1 19 ? -10.158 2.781   6.842   1.00 25.61  ? 19  ARG A CA  1 
ATOM   151 C C   . ARG A 1 19 ? -9.334  4.043   6.616   1.00 23.60  ? 19  ARG A C   1 
ATOM   152 O O   . ARG A 1 19 ? -9.434  4.983   7.419   1.00 16.98  ? 19  ARG A O   1 
ATOM   153 C CB  . ARG A 1 19 ? -9.608  2.072   8.080   1.00 28.47  ? 19  ARG A CB  1 
ATOM   154 C CG  . ARG A 1 19 ? -10.122 0.674   8.295   1.00 40.73  ? 19  ARG A CG  1 
ATOM   155 C CD  . ARG A 1 19 ? -10.940 0.521   9.576   1.00 50.63  ? 19  ARG A CD  1 
ATOM   156 N NE  . ARG A 1 19 ? -11.320 -0.885  9.706   1.00 60.29  ? 19  ARG A NE  1 
ATOM   157 C CZ  . ARG A 1 19 ? -12.471 -1.390  10.112  1.00 61.12  ? 19  ARG A CZ  1 
ATOM   158 N NH1 . ARG A 1 19 ? -13.480 -0.607  10.475  1.00 43.49  ? 19  ARG A NH1 1 
ATOM   159 N NH2 . ARG A 1 19 ? -12.603 -2.712  10.153  1.00 48.20  ? 19  ARG A NH2 1 
ATOM   160 N N   . GLY A 1 20 ? -8.520  4.100   5.564   1.00 13.41  ? 20  GLY A N   1 
ATOM   161 C CA  . GLY A 1 20 ? -7.679  5.281   5.355   1.00 13.21  ? 20  GLY A CA  1 
ATOM   162 C C   . GLY A 1 20 ? -8.285  6.269   4.380   1.00 22.70  ? 20  GLY A C   1 
ATOM   163 O O   . GLY A 1 20 ? -9.091  5.934   3.514   1.00 18.73  ? 20  GLY A O   1 
ATOM   164 N N   . ALA A 1 21 ? -7.893  7.534   4.494   1.00 21.26  ? 21  ALA A N   1 
ATOM   165 C CA  . ALA A 1 21 ? -8.348  8.605   3.621   1.00 24.62  ? 21  ALA A CA  1 
ATOM   166 C C   . ALA A 1 21 ? -7.707  8.540   2.238   1.00 19.04  ? 21  ALA A C   1 
ATOM   167 O O   . ALA A 1 21 ? -6.722  7.827   2.007   1.00 19.77  ? 21  ALA A O   1 
ATOM   168 C CB  . ALA A 1 21 ? -8.030  9.932   4.309   1.00 26.06  ? 21  ALA A CB  1 
ATOM   169 N N   . GLN A 1 22 ? -8.244  9.288   1.277   1.00 17.38  ? 22  GLN A N   1 
ATOM   170 C CA  . GLN A 1 22 ? -7.723  9.259   -0.082  1.00 17.36  ? 22  GLN A CA  1 
ATOM   171 C C   . GLN A 1 22 ? -6.272  9.705   -0.164  1.00 21.93  ? 22  GLN A C   1 
ATOM   172 O O   . GLN A 1 22 ? -5.435  9.076   -0.808  1.00 16.17  ? 22  GLN A O   1 
ATOM   173 C CB  . GLN A 1 22 ? -8.525  10.175  -1.028  1.00 24.90  ? 22  GLN A CB  1 
ATOM   174 C CG  . GLN A 1 22 ? -9.983  9.818   -1.209  1.00 29.22  ? 22  GLN A CG  1 
ATOM   175 C CD  . GLN A 1 22 ? -10.762 10.815  -2.045  1.00 37.36  ? 22  GLN A CD  1 
ATOM   176 O OE1 . GLN A 1 22 ? -11.783 10.464  -2.638  1.00 46.23  ? 22  GLN A OE1 1 
ATOM   177 N NE2 . GLN A 1 22 ? -10.302 12.059  -2.096  1.00 48.24  ? 22  GLN A NE2 1 
ATOM   178 N N   . LYS A 1 23 ? -5.941  10.830  0.479   1.00 17.91  ? 23  LYS A N   1 
ATOM   179 C CA  . LYS A 1 23 ? -4.567  11.301  0.257   1.00 21.05  ? 23  LYS A CA  1 
ATOM   180 C C   . LYS A 1 23 ? -3.544  10.334  0.820   1.00 20.85  ? 23  LYS A C   1 
ATOM   181 O O   . LYS A 1 23 ? -2.492  10.031  0.264   1.00 20.25  ? 23  LYS A O   1 
ATOM   182 C CB  . LYS A 1 23 ? -4.360  12.682  0.890   1.00 22.74  ? 23  LYS A CB  1 
ATOM   183 C CG  . LYS A 1 23 ? -4.883  13.819  0.021   1.00 42.23  ? 23  LYS A CG  1 
ATOM   184 C CD  . LYS A 1 23 ? -4.675  15.171  0.690   1.00 52.99  ? 23  LYS A CD  1 
ATOM   185 C CE  . LYS A 1 23 ? -6.001  15.793  1.106   1.00 58.00  ? 23  LYS A CE  1 
ATOM   186 N NZ  . LYS A 1 23 ? -6.255  17.072  0.381   1.00 63.35  ? 23  LYS A NZ  1 
ATOM   187 N N   . LEU A 1 24 ? -3.853  9.812   2.005   1.00 16.29  ? 24  LEU A N   1 
ATOM   188 C CA  . LEU A 1 24 ? -2.905  8.904   2.626   1.00 18.20  ? 24  LEU A CA  1 
ATOM   189 C C   . LEU A 1 24 ? -2.730  7.616   1.841   1.00 17.53  ? 24  LEU A C   1 
ATOM   190 O O   . LEU A 1 24 ? -1.623  7.099   1.641   1.00 12.33  ? 24  LEU A O   1 
ATOM   191 C CB  . LEU A 1 24 ? -3.395  8.568   4.047   1.00 21.26  ? 24  LEU A CB  1 
ATOM   192 C CG  . LEU A 1 24 ? -2.407  7.571   4.699   1.00 33.64  ? 24  LEU A CG  1 
ATOM   193 C CD1 . LEU A 1 24 ? -1.745  8.209   5.907   1.00 26.61  ? 24  LEU A CD1 1 
ATOM   194 C CD2 . LEU A 1 24 ? -3.140  6.283   5.008   1.00 45.22  ? 24  LEU A CD2 1 
ATOM   195 N N   . CYS A 1 25 ? -3.849  7.074   1.364   1.00 17.58  ? 25  CYS A N   1 
ATOM   196 C CA  . CYS A 1 25 ? -3.769  5.801   0.644   1.00 11.15  ? 25  CYS A CA  1 
ATOM   197 C C   . CYS A 1 25 ? -3.112  5.976   -0.729  1.00 13.82  ? 25  CYS A C   1 
ATOM   198 O O   . CYS A 1 25 ? -2.441  5.036   -1.181  1.00 13.46  ? 25  CYS A O   1 
ATOM   199 C CB  . CYS A 1 25 ? -5.159  5.166   0.514   1.00 13.80  ? 25  CYS A CB  1 
ATOM   200 S SG  . CYS A 1 25 ? -5.730  4.597   2.139   1.00 16.24  ? 25  CYS A SG  1 
ATOM   201 N N   . ALA A 1 26 ? -3.263  7.141   -1.343  1.00 14.62  ? 26  ALA A N   1 
ATOM   202 C CA  . ALA A 1 26 ? -2.647  7.385   -2.639  1.00 15.59  ? 26  ALA A CA  1 
ATOM   203 C C   . ALA A 1 26 ? -1.125  7.427   -2.453  1.00 16.70  ? 26  ALA A C   1 
ATOM   204 O O   . ALA A 1 26 ? -0.390  6.901   -3.276  1.00 16.21  ? 26  ALA A O   1 
ATOM   205 C CB  . ALA A 1 26 ? -3.108  8.676   -3.296  1.00 12.21  ? 26  ALA A CB  1 
ATOM   206 N N   . ASN A 1 27 ? -0.684  8.062   -1.366  1.00 15.10  ? 27  ASN A N   1 
ATOM   207 C CA  . ASN A 1 27 ? 0.751   8.112   -1.112  1.00 10.52  ? 27  ASN A CA  1 
ATOM   208 C C   . ASN A 1 27 ? 1.290   6.723   -0.830  1.00 14.50  ? 27  ASN A C   1 
ATOM   209 O O   . ASN A 1 27 ? 2.313   6.305   -1.378  1.00 19.49  ? 27  ASN A O   1 
ATOM   210 C CB  . ASN A 1 27 ? 1.058   9.040   0.062   1.00 15.12  ? 27  ASN A CB  1 
ATOM   211 C CG  . ASN A 1 27 ? 0.898   10.492  -0.365  1.00 31.84  ? 27  ASN A CG  1 
ATOM   212 O OD1 . ASN A 1 27 ? 0.613   11.364  0.454   1.00 43.80  ? 27  ASN A OD1 1 
ATOM   213 N ND2 . ASN A 1 27 ? 1.077   10.732  -1.659  1.00 35.92  ? 27  ASN A ND2 1 
ATOM   214 N N   . ALA A 1 28 ? 0.578   5.981   0.009   1.00 14.02  ? 28  ALA A N   1 
ATOM   215 C CA  . ALA A 1 28 ? 1.041   4.639   0.348   1.00 10.20  ? 28  ALA A CA  1 
ATOM   216 C C   . ALA A 1 28 ? 1.163   3.746   -0.867  1.00 15.25  ? 28  ALA A C   1 
ATOM   217 O O   . ALA A 1 28 ? 2.107   2.974   -0.958  1.00 13.01  ? 28  ALA A O   1 
ATOM   218 C CB  . ALA A 1 28 ? 0.063   3.966   1.320   1.00 14.16  ? 28  ALA A CB  1 
ATOM   219 N N   . CYS A 1 29 ? 0.172   3.856   -1.767  1.00 12.62  ? 29  CYS A N   1 
ATOM   220 C CA  . CYS A 1 29 ? 0.103   2.915   -2.877  1.00 7.51   ? 29  CYS A CA  1 
ATOM   221 C C   . CYS A 1 29 ? 0.649   3.490   -4.179  1.00 9.75   ? 29  CYS A C   1 
ATOM   222 O O   . CYS A 1 29 ? 0.506   2.850   -5.214  1.00 11.85  ? 29  CYS A O   1 
ATOM   223 C CB  . CYS A 1 29 ? -1.364  2.497   -3.066  1.00 7.21   ? 29  CYS A CB  1 
ATOM   224 S SG  . CYS A 1 29 ? -1.968  1.704   -1.545  1.00 12.33  ? 29  CYS A SG  1 
ATOM   225 N N   . ARG A 1 30 ? 1.237   4.660   -4.097  1.00 11.08  ? 30  ARG A N   1 
ATOM   226 C CA  . ARG A 1 30 ? 1.817   5.369   -5.224  1.00 17.26  ? 30  ARG A CA  1 
ATOM   227 C C   . ARG A 1 30 ? 0.787   5.592   -6.336  1.00 21.11  ? 30  ARG A C   1 
ATOM   228 O O   . ARG A 1 30 ? 1.091   5.340   -7.501  1.00 22.11  ? 30  ARG A O   1 
ATOM   229 C CB  . ARG A 1 30 ? 3.023   4.616   -5.787  1.00 20.62  ? 30  ARG A CB  1 
ATOM   230 C CG  . ARG A 1 30 ? 4.130   4.308   -4.792  1.00 23.80  ? 30  ARG A CG  1 
ATOM   231 C CD  . ARG A 1 30 ? 5.129   3.332   -5.409  1.00 29.67  ? 30  ARG A CD  1 
ATOM   232 N NE  . ARG A 1 30 ? 6.077   3.991   -6.270  1.00 34.41  ? 30  ARG A NE  1 
ATOM   233 C CZ  . ARG A 1 30 ? 6.645   3.643   -7.402  1.00 37.65  ? 30  ARG A CZ  1 
ATOM   234 N NH1 . ARG A 1 30 ? 6.437   2.503   -8.048  1.00 28.20  ? 30  ARG A NH1 1 
ATOM   235 N NH2 . ARG A 1 30 ? 7.498   4.526   -7.930  1.00 45.62  ? 30  ARG A NH2 1 
ATOM   236 N N   . CYS A 1 31 ? -0.397  6.057   -5.983  1.00 17.75  ? 31  CYS A N   1 
ATOM   237 C CA  . CYS A 1 31 ? -1.467  6.413   -6.905  1.00 17.74  ? 31  CYS A CA  1 
ATOM   238 C C   . CYS A 1 31 ? -1.511  7.930   -6.939  1.00 19.88  ? 31  CYS A C   1 
ATOM   239 O O   . CYS A 1 31 ? -0.824  8.485   -6.078  1.00 21.38  ? 31  CYS A O   1 
ATOM   240 C CB  . CYS A 1 31 ? -2.822  5.853   -6.453  1.00 17.66  ? 31  CYS A CB  1 
ATOM   241 S SG  . CYS A 1 31 ? -2.766  4.031   -6.414  1.00 15.53  ? 31  CYS A SG  1 
ATOM   242 N N   . LYS A 1 32 ? -2.253  8.529   -7.841  1.00 21.83  ? 32  LYS A N   1 
ATOM   243 C CA  . LYS A 1 32 ? -2.391  9.994   -7.829  1.00 19.53  ? 32  LYS A CA  1 
ATOM   244 C C   . LYS A 1 32 ? -3.876  10.318  -7.769  1.00 21.12  ? 32  LYS A C   1 
ATOM   245 O O   . LYS A 1 32 ? -4.707  9.560   -8.288  1.00 24.39  ? 32  LYS A O   1 
ATOM   246 C CB  . LYS A 1 32 ? -1.731  10.647  -9.032  1.00 27.49  ? 32  LYS A CB  1 
ATOM   247 C CG  . LYS A 1 32 ? -0.264  10.273  -9.179  1.00 45.23  ? 32  LYS A CG  1 
ATOM   248 C CD  . LYS A 1 32 ? 0.543   11.312  -9.938  1.00 60.60  ? 32  LYS A CD  1 
ATOM   249 C CE  . LYS A 1 32 ? 2.022   11.220  -9.586  1.00 68.11  ? 32  LYS A CE  1 
ATOM   250 N NZ  . LYS A 1 32 ? 2.911   11.292  -10.778 1.00 68.00  ? 32  LYS A NZ  1 
ATOM   251 N N   . LEU A 1 33 ? -4.185  11.425  -7.118  1.00 17.72  ? 33  LEU A N   1 
ATOM   252 C CA  . LEU A 1 33 ? -5.559  11.899  -7.045  1.00 18.23  ? 33  LEU A CA  1 
ATOM   253 C C   . LEU A 1 33 ? -5.695  13.030  -8.062  1.00 30.17  ? 33  LEU A C   1 
ATOM   254 O O   . LEU A 1 33 ? -4.784  13.844  -8.207  1.00 27.62  ? 33  LEU A O   1 
ATOM   255 C CB  . LEU A 1 33 ? -5.953  12.397  -5.664  1.00 22.34  ? 33  LEU A CB  1 
ATOM   256 C CG  . LEU A 1 33 ? -5.643  11.463  -4.490  1.00 26.38  ? 33  LEU A CG  1 
ATOM   257 C CD1 . LEU A 1 33 ? -6.016  12.121  -3.173  1.00 22.74  ? 33  LEU A CD1 1 
ATOM   258 C CD2 . LEU A 1 33 ? -6.388  10.152  -4.652  1.00 26.60  ? 33  LEU A CD2 1 
ATOM   259 N N   . THR A 1 34 ? -6.832  13.025  -8.733  1.00 25.52  ? 34  THR A N   1 
ATOM   260 C CA  . THR A 1 34 ? -7.107  14.080  -9.705  1.00 32.37  ? 34  THR A CA  1 
ATOM   261 C C   . THR A 1 34 ? -8.540  14.555  -9.520  1.00 25.47  ? 34  THR A C   1 
ATOM   262 O O   . THR A 1 34 ? -9.404  13.759  -9.177  1.00 29.22  ? 34  THR A O   1 
ATOM   263 C CB  . THR A 1 34 ? -6.883  13.583  -11.138 1.00 34.65  ? 34  THR A CB  1 
ATOM   264 O OG1 . THR A 1 34 ? -7.030  14.675  -12.053 1.00 40.39  ? 34  THR A OG1 1 
ATOM   265 C CG2 . THR A 1 34 ? -7.946  12.553  -11.481 1.00 27.82  ? 34  THR A CG2 1 
ATOM   266 N N   . SER A 1 35 ? -8.762  15.843  -9.735  1.00 30.44  ? 35  SER A N   1 
ATOM   267 C CA  . SER A 1 35 ? -10.078 16.442  -9.598  1.00 33.31  ? 35  SER A CA  1 
ATOM   268 C C   . SER A 1 35 ? -10.891 16.220  -10.868 1.00 40.25  ? 35  SER A C   1 
ATOM   269 O O   . SER A 1 35 ? -12.113 16.347  -10.857 1.00 72.20  ? 35  SER A O   1 
ATOM   270 C CB  . SER A 1 35 ? -9.930  17.940  -9.327  1.00 30.47  ? 35  SER A CB  1 
ATOM   271 O OG  . SER A 1 35 ? -9.003  18.480  -10.259 1.00 41.51  ? 35  SER A OG  1 
ATOM   272 N N   . GLY A 1 36 ? -10.180 15.903  -11.940 1.00 39.23  ? 36  GLY A N   1 
ATOM   273 C CA  . GLY A 1 36 ? -10.756 15.705  -13.256 1.00 46.41  ? 36  GLY A CA  1 
ATOM   274 C C   . GLY A 1 36 ? -11.452 14.372  -13.395 1.00 46.75  ? 36  GLY A C   1 
ATOM   275 O O   . GLY A 1 36 ? -11.711 13.683  -12.404 1.00 56.30  ? 36  GLY A O   1 
ATOM   276 N N   . LEU A 1 37 ? -11.781 13.967  -14.623 1.00 49.20  ? 37  LEU A N   1 
ATOM   277 C CA  . LEU A 1 37 ? -12.514 12.694  -14.731 1.00 55.58  ? 37  LEU A CA  1 
ATOM   278 C C   . LEU A 1 37 ? -11.741 11.687  -15.568 1.00 55.87  ? 37  LEU A C   1 
ATOM   279 O O   . LEU A 1 37 ? -12.191 10.572  -15.824 1.00 56.90  ? 37  LEU A O   1 
ATOM   280 C CB  . LEU A 1 37 ? -13.911 12.983  -15.285 1.00 59.48  ? 37  LEU A CB  1 
ATOM   281 C CG  . LEU A 1 37 ? -14.621 14.154  -14.588 1.00 69.65  ? 37  LEU A CG  1 
ATOM   282 C CD1 . LEU A 1 37 ? -14.286 15.471  -15.279 1.00 81.74  ? 37  LEU A CD1 1 
ATOM   283 C CD2 . LEU A 1 37 ? -16.122 13.926  -14.546 1.00 73.32  ? 37  LEU A CD2 1 
ATOM   284 N N   . LYS A 1 38 ? -10.550 12.107  -15.976 1.00 53.96  ? 38  LYS A N   1 
ATOM   285 C CA  . LYS A 1 38 ? -9.639  11.329  -16.792 1.00 58.67  ? 38  LYS A CA  1 
ATOM   286 C C   . LYS A 1 38 ? -8.310  11.111  -16.080 1.00 46.54  ? 38  LYS A C   1 
ATOM   287 O O   . LYS A 1 38 ? -7.674  12.055  -15.615 1.00 43.17  ? 38  LYS A O   1 
ATOM   288 C CB  . LYS A 1 38 ? -9.384  12.032  -18.130 1.00 74.84  ? 38  LYS A CB  1 
ATOM   289 C CG  . LYS A 1 38 ? -8.389  11.300  -19.019 1.00 90.99  ? 38  LYS A CG  1 
ATOM   290 C CD  . LYS A 1 38 ? -8.604  11.627  -20.488 1.00 100.92 ? 38  LYS A CD  1 
ATOM   291 C CE  . LYS A 1 38 ? -9.788  10.879  -21.071 1.00 105.20 ? 38  LYS A CE  1 
ATOM   292 N NZ  . LYS A 1 38 ? -10.480 10.029  -20.061 1.00 114.42 ? 38  LYS A NZ  1 
ATOM   293 N N   . CYS A 1 39 ? -7.903  9.845   -16.006 1.00 41.45  ? 39  CYS A N   1 
ATOM   294 C CA  . CYS A 1 39 ? -6.590  9.553   -15.445 1.00 47.09  ? 39  CYS A CA  1 
ATOM   295 C C   . CYS A 1 39 ? -5.518  9.707   -16.521 1.00 48.21  ? 39  CYS A C   1 
ATOM   296 O O   . CYS A 1 39 ? -5.736  9.294   -17.653 1.00 51.63  ? 39  CYS A O   1 
ATOM   297 C CB  . CYS A 1 39 ? -6.504  8.135   -14.870 1.00 39.52  ? 39  CYS A CB  1 
ATOM   298 S SG  . CYS A 1 39 ? -7.445  7.963   -13.329 1.00 30.43  ? 39  CYS A SG  1 
ATOM   299 N N   . PRO A 1 40 ? -4.389  10.273  -16.131 1.00 46.90  ? 40  PRO A N   1 
ATOM   300 C CA  . PRO A 1 40 ? -3.192  10.245  -16.972 1.00 47.36  ? 40  PRO A CA  1 
ATOM   301 C C   . PRO A 1 40 ? -2.846  8.806   -17.346 1.00 49.96  ? 40  PRO A C   1 
ATOM   302 O O   . PRO A 1 40 ? -2.801  7.893   -16.519 1.00 50.23  ? 40  PRO A O   1 
ATOM   303 C CB  . PRO A 1 40 ? -2.107  10.850  -16.085 1.00 39.84  ? 40  PRO A CB  1 
ATOM   304 C CG  . PRO A 1 40 ? -2.671  10.903  -14.711 1.00 41.26  ? 40  PRO A CG  1 
ATOM   305 C CD  . PRO A 1 40 ? -4.165  10.991  -14.867 1.00 42.58  ? 40  PRO A CD  1 
ATOM   306 N N   . SER A 1 41 ? -2.578  8.591   -18.627 1.00 45.87  ? 41  SER A N   1 
ATOM   307 C CA  . SER A 1 41 ? -2.326  7.270   -19.181 1.00 50.39  ? 41  SER A CA  1 
ATOM   308 C C   . SER A 1 41 ? -1.152  6.561   -18.514 1.00 46.32  ? 41  SER A C   1 
ATOM   309 O O   . SER A 1 41 ? -1.021  5.349   -18.700 1.00 64.48  ? 41  SER A O   1 
ATOM   310 C CB  . SER A 1 41 ? -2.089  7.389   -20.695 1.00 59.21  ? 41  SER A CB  1 
ATOM   311 O OG  . SER A 1 41 ? -2.886  8.433   -21.239 1.00 77.71  ? 41  SER A OG  1 
ATOM   312 N N   . SER A 1 42 ? -0.324  7.263   -17.767 1.00 38.70  ? 42  SER A N   1 
ATOM   313 C CA  . SER A 1 42 ? 0.726   6.778   -16.895 1.00 40.38  ? 42  SER A CA  1 
ATOM   314 C C   . SER A 1 42 ? 0.173   6.221   -15.581 1.00 35.63  ? 42  SER A C   1 
ATOM   315 O O   . SER A 1 42 ? 0.859   5.462   -14.889 1.00 32.43  ? 42  SER A O   1 
ATOM   316 C CB  . SER A 1 42 ? 1.682   7.930   -16.569 1.00 44.58  ? 42  SER A CB  1 
ATOM   317 O OG  . SER A 1 42 ? 1.036   9.158   -16.868 1.00 71.65  ? 42  SER A OG  1 
ATOM   318 N N   . PHE A 1 43 ? -1.049  6.610   -15.251 1.00 31.74  ? 43  PHE A N   1 
ATOM   319 C CA  . PHE A 1 43 ? -1.746  6.136   -14.049 1.00 31.59  ? 43  PHE A CA  1 
ATOM   320 C C   . PHE A 1 43 ? -3.148  5.661   -14.424 1.00 27.86  ? 43  PHE A C   1 
ATOM   321 O O   . PHE A 1 43 ? -4.195  6.183   -14.051 1.00 28.64  ? 43  PHE A O   1 
ATOM   322 C CB  . PHE A 1 43 ? -1.786  7.217   -12.984 1.00 31.03  ? 43  PHE A CB  1 
ATOM   323 C CG  . PHE A 1 43 ? -0.443  7.645   -12.416 1.00 29.64  ? 43  PHE A CG  1 
ATOM   324 C CD1 . PHE A 1 43 ? 0.440   8.427   -13.146 1.00 29.42  ? 43  PHE A CD1 1 
ATOM   325 C CD2 . PHE A 1 43 ? -0.070  7.270   -11.137 1.00 27.01  ? 43  PHE A CD2 1 
ATOM   326 C CE1 . PHE A 1 43 ? 1.652   8.811   -12.603 1.00 37.37  ? 43  PHE A CE1 1 
ATOM   327 C CE2 . PHE A 1 43 ? 1.146   7.642   -10.584 1.00 28.31  ? 43  PHE A CE2 1 
ATOM   328 C CZ  . PHE A 1 43 ? 2.019   8.419   -11.329 1.00 36.15  ? 43  PHE A CZ  1 
ATOM   329 N N   . PRO A 1 44 ? -3.162  4.603   -15.232 1.00 31.49  ? 44  PRO A N   1 
ATOM   330 C CA  . PRO A 1 44 ? -4.406  4.163   -15.869 1.00 35.13  ? 44  PRO A CA  1 
ATOM   331 C C   . PRO A 1 44 ? -5.218  3.156   -15.076 1.00 37.90  ? 44  PRO A C   1 
ATOM   332 O O   . PRO A 1 44 ? -6.333  2.813   -15.478 1.00 40.48  ? 44  PRO A O   1 
ATOM   333 C CB  . PRO A 1 44 ? -3.843  3.516   -17.149 1.00 35.84  ? 44  PRO A CB  1 
ATOM   334 C CG  . PRO A 1 44 ? -2.560  2.896   -16.709 1.00 37.64  ? 44  PRO A CG  1 
ATOM   335 C CD  . PRO A 1 44 ? -2.018  3.755   -15.600 1.00 27.31  ? 44  PRO A CD  1 
ATOM   336 N N   . LYS A 1 45 ? -4.751  2.638   -13.943 1.00 33.93  ? 45  LYS A N   1 
ATOM   337 C CA  . LYS A 1 45 ? -5.535  1.642   -13.217 1.00 30.69  ? 45  LYS A CA  1 
ATOM   338 C C   . LYS A 1 45 ? -6.348  2.196   -12.057 1.00 33.26  ? 45  LYS A C   1 
ATOM   339 O O   . LYS A 1 45 ? -6.265  3.379   -11.703 1.00 21.01  ? 45  LYS A O   1 
ATOM   340 C CB  . LYS A 1 45 ? -4.600  0.541   -12.680 1.00 30.94  ? 45  LYS A CB  1 
ATOM   341 C CG  . LYS A 1 45 ? -3.829  -0.132  -13.809 1.00 39.28  ? 45  LYS A CG  1 
ATOM   342 C CD  . LYS A 1 45 ? -4.817  -0.787  -14.767 1.00 39.56  ? 45  LYS A CD  1 
ATOM   343 C CE  . LYS A 1 45 ? -4.060  -1.627  -15.789 1.00 52.51  ? 45  LYS A CE  1 
ATOM   344 N NZ  . LYS A 1 45 ? -4.970  -2.628  -16.420 1.00 79.64  ? 45  LYS A NZ  1 
ATOM   345 O OXT . LYS A 1 45 ? -7.112  1.397   -11.469 1.00 26.09  ? 45  LYS A OXT 1 
ATOM   346 N N   . LYS B 1 1  ? 5.209   -9.092  13.889  1.00 24.83  ? 51  LYS B N   1 
ATOM   347 C CA  . LYS B 1 1  ? 6.255   -8.393  13.166  1.00 21.63  ? 51  LYS B CA  1 
ATOM   348 C C   . LYS B 1 1  ? 5.931   -8.303  11.677  1.00 18.05  ? 51  LYS B C   1 
ATOM   349 O O   . LYS B 1 1  ? 5.555   -9.299  11.047  1.00 18.93  ? 51  LYS B O   1 
ATOM   350 C CB  . LYS B 1 1  ? 7.592   -9.111  13.363  1.00 25.41  ? 51  LYS B CB  1 
ATOM   351 C CG  . LYS B 1 1  ? 8.788   -8.285  12.917  1.00 27.94  ? 51  LYS B CG  1 
ATOM   352 C CD  . LYS B 1 1  ? 10.068  -9.091  12.977  1.00 35.54  ? 51  LYS B CD  1 
ATOM   353 C CE  . LYS B 1 1  ? 11.304  -8.229  12.775  1.00 31.98  ? 51  LYS B CE  1 
ATOM   354 N NZ  . LYS B 1 1  ? 11.238  -6.950  13.527  1.00 35.60  ? 51  LYS B NZ  1 
ATOM   355 N N   . SER B 1 2  ? 6.085   -7.113  11.105  1.00 14.40  ? 52  SER B N   1 
ATOM   356 C CA  . SER B 1 2  ? 5.867   -6.994  9.666   1.00 14.77  ? 52  SER B CA  1 
ATOM   357 C C   . SER B 1 2  ? 7.187   -7.095  8.900   1.00 15.59  ? 52  SER B C   1 
ATOM   358 O O   . SER B 1 2  ? 8.241   -6.616  9.308   1.00 13.26  ? 52  SER B O   1 
ATOM   359 C CB  . SER B 1 2  ? 5.161   -5.671  9.348   1.00 14.09  ? 52  SER B CB  1 
ATOM   360 O OG  . SER B 1 2  ? 5.973   -4.584  9.779   1.00 15.53  ? 52  SER B OG  1 
ATOM   361 N N   . CYS B 1 3  ? 7.139   -7.726  7.731   1.00 12.71  ? 53  CYS B N   1 
ATOM   362 C CA  . CYS B 1 3  ? 8.336   -7.928  6.911   1.00 15.81  ? 53  CYS B CA  1 
ATOM   363 C C   . CYS B 1 3  ? 8.020   -7.587  5.458   1.00 16.58  ? 53  CYS B C   1 
ATOM   364 O O   . CYS B 1 3  ? 7.153   -8.264  4.882   1.00 15.15  ? 53  CYS B O   1 
ATOM   365 C CB  . CYS B 1 3  ? 8.828   -9.373  6.939   1.00 13.48  ? 53  CYS B CB  1 
ATOM   366 S SG  . CYS B 1 3  ? 9.168   -10.003 8.612   1.00 17.97  ? 53  CYS B SG  1 
ATOM   367 N N   . CYS B 1 4  ? 8.679   -6.592  4.899   1.00 12.86  ? 54  CYS B N   1 
ATOM   368 C CA  . CYS B 1 4  ? 8.272   -6.128  3.559   1.00 11.99  ? 54  CYS B CA  1 
ATOM   369 C C   . CYS B 1 4  ? 9.364   -6.353  2.530   1.00 11.91  ? 54  CYS B C   1 
ATOM   370 O O   . CYS B 1 4  ? 10.531  -6.496  2.931   1.00 14.13  ? 54  CYS B O   1 
ATOM   371 C CB  . CYS B 1 4  ? 7.917   -4.646  3.652   1.00 13.37  ? 54  CYS B CB  1 
ATOM   372 S SG  . CYS B 1 4  ? 6.516   -4.228  4.728   1.00 12.15  ? 54  CYS B SG  1 
ATOM   373 N N   . ARG B 1 5  ? 9.028   -6.374  1.242   1.00 9.73   ? 55  ARG B N   1 
ATOM   374 C CA  . ARG B 1 5  ? 9.966   -6.727  0.186   1.00 11.14  ? 55  ARG B CA  1 
ATOM   375 C C   . ARG B 1 5  ? 11.010  -5.662  -0.095  1.00 12.92  ? 55  ARG B C   1 
ATOM   376 O O   . ARG B 1 5  ? 12.143  -5.961  -0.477  1.00 17.80  ? 55  ARG B O   1 
ATOM   377 C CB  . ARG B 1 5  ? 9.243   -6.976  -1.159  1.00 17.06  ? 55  ARG B CB  1 
ATOM   378 C CG  . ARG B 1 5  ? 8.416   -8.239  -1.195  1.00 23.48  ? 55  ARG B CG  1 
ATOM   379 C CD  . ARG B 1 5  ? 7.319   -8.245  -2.243  1.00 37.45  ? 55  ARG B CD  1 
ATOM   380 N NE  . ARG B 1 5  ? 6.245   -9.191  -1.919  1.00 40.02  ? 55  ARG B NE  1 
ATOM   381 C CZ  . ARG B 1 5  ? 6.033   -10.358 -2.511  1.00 46.42  ? 55  ARG B CZ  1 
ATOM   382 N NH1 . ARG B 1 5  ? 6.811   -10.784 -3.500  1.00 43.23  ? 55  ARG B NH1 1 
ATOM   383 N NH2 . ARG B 1 5  ? 5.018   -11.123 -2.116  1.00 50.97  ? 55  ARG B NH2 1 
ATOM   384 N N   . SER B 1 6  ? 10.603  -4.411  0.057   1.00 13.36  ? 56  SER B N   1 
ATOM   385 C CA  . SER B 1 6  ? 11.475  -3.307  -0.319  1.00 9.54   ? 56  SER B CA  1 
ATOM   386 C C   . SER B 1 6  ? 11.089  -2.075  0.488   1.00 19.06  ? 56  SER B C   1 
ATOM   387 O O   . SER B 1 6  ? 10.104  -2.118  1.252   1.00 13.78  ? 56  SER B O   1 
ATOM   388 C CB  . SER B 1 6  ? 11.310  -3.033  -1.814  1.00 14.13  ? 56  SER B CB  1 
ATOM   389 O OG  . SER B 1 6  ? 10.035  -2.396  -1.995  1.00 16.45  ? 56  SER B OG  1 
ATOM   390 N N   . THR B 1 7  ? 11.836  -0.994  0.342   1.00 12.62  ? 57  THR B N   1 
ATOM   391 C CA  . THR B 1 7  ? 11.519  0.247   1.044   1.00 10.57  ? 57  THR B CA  1 
ATOM   392 C C   . THR B 1 7  ? 10.168  0.798   0.607   1.00 8.25   ? 57  THR B C   1 
ATOM   393 O O   . THR B 1 7  ? 9.489   1.444   1.401   1.00 10.95  ? 57  THR B O   1 
ATOM   394 C CB  . THR B 1 7  ? 12.580  1.333   0.775   1.00 17.80  ? 57  THR B CB  1 
ATOM   395 O OG1 . THR B 1 7  ? 12.749  1.450   -0.648  1.00 21.19  ? 57  THR B OG1 1 
ATOM   396 C CG2 . THR B 1 7  ? 13.908  0.896   1.383   1.00 17.82  ? 57  THR B CG2 1 
ATOM   397 N N   . LEU B 1 8  ? 9.803   0.580   -0.653  1.00 15.02  ? 58  LEU B N   1 
ATOM   398 C CA  . LEU B 1 8  ? 8.508   1.044   -1.132  1.00 14.42  ? 58  LEU B CA  1 
ATOM   399 C C   . LEU B 1 8  ? 7.384   0.360   -0.347  1.00 10.11  ? 58  LEU B C   1 
ATOM   400 O O   . LEU B 1 8  ? 6.401   1.005   0.007   1.00 12.16  ? 58  LEU B O   1 
ATOM   401 C CB  . LEU B 1 8  ? 8.292   0.732   -2.613  1.00 13.96  ? 58  LEU B CB  1 
ATOM   402 C CG  . LEU B 1 8  ? 9.329   1.247   -3.617  1.00 18.42  ? 58  LEU B CG  1 
ATOM   403 C CD1 . LEU B 1 8  ? 8.832   1.011   -5.039  1.00 32.17  ? 58  LEU B CD1 1 
ATOM   404 C CD2 . LEU B 1 8  ? 9.615   2.712   -3.375  1.00 26.70  ? 58  LEU B CD2 1 
ATOM   405 N N   . GLY B 1 9  ? 7.544   -0.946  -0.141  1.00 9.68   ? 59  GLY B N   1 
ATOM   406 C CA  . GLY B 1 9  ? 6.579   -1.728  0.604   1.00 11.75  ? 59  GLY B CA  1 
ATOM   407 C C   . GLY B 1 9  ? 6.530   -1.345  2.066   1.00 12.37  ? 59  GLY B C   1 
ATOM   408 O O   . GLY B 1 9  ? 5.470   -1.270  2.691   1.00 10.87  ? 59  GLY B O   1 
ATOM   409 N N   . ARG B 1 10 ? 7.698   -1.093  2.648   1.00 10.20  ? 60  ARG B N   1 
ATOM   410 C CA  . ARG B 1 10 ? 7.711   -0.603  4.037   1.00 10.38  ? 60  ARG B CA  1 
ATOM   411 C C   . ARG B 1 10 ? 7.011   0.735   4.166   1.00 9.80   ? 60  ARG B C   1 
ATOM   412 O O   . ARG B 1 10 ? 6.200   0.963   5.086   1.00 12.70  ? 60  ARG B O   1 
ATOM   413 C CB  . ARG B 1 10 ? 9.158   -0.545  4.513   1.00 13.61  ? 60  ARG B CB  1 
ATOM   414 C CG  . ARG B 1 10 ? 9.421   0.165   5.834   1.00 16.42  ? 60  ARG B CG  1 
ATOM   415 C CD  . ARG B 1 10 ? 8.626   -0.431  6.978   1.00 11.08  ? 60  ARG B CD  1 
ATOM   416 N NE  . ARG B 1 10 ? 8.938   -1.836  7.224   1.00 9.98   ? 60  ARG B NE  1 
ATOM   417 C CZ  . ARG B 1 10 ? 8.151   -2.624  7.951   1.00 15.32  ? 60  ARG B CZ  1 
ATOM   418 N NH1 . ARG B 1 10 ? 7.056   -2.077  8.456   1.00 17.37  ? 60  ARG B NH1 1 
ATOM   419 N NH2 . ARG B 1 10 ? 8.460   -3.898  8.152   1.00 13.20  ? 60  ARG B NH2 1 
ATOM   420 N N   A ASN B 1 11 ? 7.237   1.704   3.280   0.61 9.35   ? 61  ASN B N   1 
ATOM   421 N N   B ASN B 1 11 ? 7.302   1.654   3.250   0.39 9.86   ? 61  ASN B N   1 
ATOM   422 C CA  A ASN B 1 11 ? 6.567   2.998   3.467   0.61 13.18  ? 61  ASN B CA  1 
ATOM   423 C CA  B ASN B 1 11 ? 6.675   2.985   3.295   0.39 12.48  ? 61  ASN B CA  1 
ATOM   424 C C   A ASN B 1 11 ? 5.076   2.860   3.176   0.61 11.60  ? 61  ASN B C   1 
ATOM   425 C C   B ASN B 1 11 ? 5.151   2.777   3.212   0.39 11.86  ? 61  ASN B C   1 
ATOM   426 O O   A ASN B 1 11 ? 4.247   3.556   3.738   0.61 10.22  ? 61  ASN B O   1 
ATOM   427 O O   B ASN B 1 11 ? 4.408   3.351   3.991   0.39 10.26  ? 61  ASN B O   1 
ATOM   428 C CB  A ASN B 1 11 ? 7.128   4.088   2.564   0.61 8.74   ? 61  ASN B CB  1 
ATOM   429 C CB  B ASN B 1 11 ? 7.085   3.779   2.039   0.39 7.25   ? 61  ASN B CB  1 
ATOM   430 C CG  A ASN B 1 11 ? 8.590   4.392   2.808   0.61 8.38   ? 61  ASN B CG  1 
ATOM   431 C CG  B ASN B 1 11 ? 6.543   5.201   2.187   0.39 17.88  ? 61  ASN B CG  1 
ATOM   432 O OD1 A ASN B 1 11 ? 9.090   4.252   3.918   0.61 16.50  ? 61  ASN B OD1 1 
ATOM   433 O OD1 B ASN B 1 11 ? 6.509   5.673   3.332   0.39 24.14  ? 61  ASN B OD1 1 
ATOM   434 N ND2 A ASN B 1 11 ? 9.282   4.804   1.743   0.61 15.03  ? 61  ASN B ND2 1 
ATOM   435 N ND2 B ASN B 1 11 ? 5.648   5.561   1.268   0.39 32.53  ? 61  ASN B ND2 1 
ATOM   436 N N   . CYS B 1 12 ? 4.740   1.950   2.263   1.00 10.82  ? 62  CYS B N   1 
ATOM   437 C CA  . CYS B 1 12 ? 3.313   1.665   2.065   1.00 13.12  ? 62  CYS B CA  1 
ATOM   438 C C   . CYS B 1 12 ? 2.699   1.201   3.378   1.00 13.25  ? 62  CYS B C   1 
ATOM   439 O O   . CYS B 1 12 ? 1.661   1.691   3.822   1.00 10.15  ? 62  CYS B O   1 
ATOM   440 C CB  . CYS B 1 12 ? 3.175   0.585   0.983   1.00 12.68  ? 62  CYS B CB  1 
ATOM   441 S SG  . CYS B 1 12 ? 1.498   0.025   0.617   1.00 14.11  ? 62  CYS B SG  1 
ATOM   442 N N   . TYR B 1 13 ? 3.329   0.192   3.999   1.00 11.31  ? 63  TYR B N   1 
ATOM   443 C CA  . TYR B 1 13 ? 2.764   -0.442  5.200   1.00 11.67  ? 63  TYR B CA  1 
ATOM   444 C C   . TYR B 1 13 ? 2.644   0.545   6.342   1.00 14.88  ? 63  TYR B C   1 
ATOM   445 O O   . TYR B 1 13 ? 1.642   0.627   7.056   1.00 12.16  ? 63  TYR B O   1 
ATOM   446 C CB  . TYR B 1 13 ? 3.643   -1.644  5.594   1.00 11.11  ? 63  TYR B CB  1 
ATOM   447 C CG  . TYR B 1 13 ? 3.163   -2.346  6.849   1.00 11.32  ? 63  TYR B CG  1 
ATOM   448 C CD1 . TYR B 1 13 ? 3.662   -2.040  8.103   1.00 15.25  ? 63  TYR B CD1 1 
ATOM   449 C CD2 . TYR B 1 13 ? 2.200   -3.346  6.734   1.00 13.85  ? 63  TYR B CD2 1 
ATOM   450 C CE1 . TYR B 1 13 ? 3.213   -2.702  9.241   1.00 18.62  ? 63  TYR B CE1 1 
ATOM   451 C CE2 . TYR B 1 13 ? 1.747   -4.008  7.853   1.00 17.61  ? 63  TYR B CE2 1 
ATOM   452 C CZ  . TYR B 1 13 ? 2.258   -3.679  9.095   1.00 17.63  ? 63  TYR B CZ  1 
ATOM   453 O OH  . TYR B 1 13 ? 1.784   -4.351  10.194  1.00 15.09  ? 63  TYR B OH  1 
ATOM   454 N N   . ASN B 1 14 ? 3.713   1.327   6.555   1.00 11.57  ? 64  ASN B N   1 
ATOM   455 C CA  . ASN B 1 14 ? 3.699   2.253   7.697   1.00 11.09  ? 64  ASN B CA  1 
ATOM   456 C C   . ASN B 1 14 ? 2.650   3.328   7.495   1.00 12.37  ? 64  ASN B C   1 
ATOM   457 O O   . ASN B 1 14 ? 1.968   3.687   8.455   1.00 13.13  ? 64  ASN B O   1 
ATOM   458 C CB  . ASN B 1 14 ? 5.070   2.897   7.913   1.00 10.76  ? 64  ASN B CB  1 
ATOM   459 C CG  . ASN B 1 14 ? 6.069   1.968   8.574   1.00 11.77  ? 64  ASN B CG  1 
ATOM   460 O OD1 . ASN B 1 14 ? 5.861   0.770   8.743   1.00 11.21  ? 64  ASN B OD1 1 
ATOM   461 N ND2 . ASN B 1 14 ? 7.211   2.561   8.934   1.00 9.67   ? 64  ASN B ND2 1 
ATOM   462 N N   . LEU B 1 15 ? 2.491   3.830   6.261   1.00 9.23   ? 65  LEU B N   1 
ATOM   463 C CA  . LEU B 1 15 ? 1.437   4.829   6.065   1.00 12.36  ? 65  LEU B CA  1 
ATOM   464 C C   . LEU B 1 15 ? 0.032   4.235   6.196   1.00 16.51  ? 65  LEU B C   1 
ATOM   465 O O   . LEU B 1 15 ? -0.881  4.814   6.805   1.00 14.14  ? 65  LEU B O   1 
ATOM   466 C CB  . LEU B 1 15 ? 1.590   5.478   4.693   1.00 11.65  ? 65  LEU B CB  1 
ATOM   467 C CG  . LEU B 1 15 ? 2.571   6.641   4.538   1.00 16.43  ? 65  LEU B CG  1 
ATOM   468 C CD1 . LEU B 1 15 ? 2.682   6.996   3.049   1.00 17.79  ? 65  LEU B CD1 1 
ATOM   469 C CD2 . LEU B 1 15 ? 2.140   7.876   5.301   1.00 16.13  ? 65  LEU B CD2 1 
ATOM   470 N N   . CYS B 1 16 ? -0.183  3.070   5.604   1.00 10.85  ? 66  CYS B N   1 
ATOM   471 C CA  . CYS B 1 16 ? -1.425  2.324   5.753   1.00 12.10  ? 66  CYS B CA  1 
ATOM   472 C C   . CYS B 1 16 ? -1.810  2.071   7.210   1.00 12.00  ? 66  CYS B C   1 
ATOM   473 O O   . CYS B 1 16 ? -2.985  2.116   7.625   1.00 12.22  ? 66  CYS B O   1 
ATOM   474 C CB  . CYS B 1 16 ? -1.277  0.970   5.024   1.00 12.86  ? 66  CYS B CB  1 
ATOM   475 S SG  . CYS B 1 16 ? -2.806  -0.030  5.066   1.00 14.81  ? 66  CYS B SG  1 
ATOM   476 N N   . ARG B 1 17 ? -0.831  1.753   8.049   1.00 10.61  ? 67  ARG B N   1 
ATOM   477 C CA  . ARG B 1 17 ? -1.100  1.457   9.456   1.00 10.80  ? 67  ARG B CA  1 
ATOM   478 C C   . ARG B 1 17 ? -1.491  2.681   10.261  1.00 12.74  ? 67  ARG B C   1 
ATOM   479 O O   . ARG B 1 17 ? -1.808  2.532   11.447  1.00 17.22  ? 67  ARG B O   1 
ATOM   480 C CB  . ARG B 1 17 ? 0.138   0.801   10.113  1.00 10.45  ? 67  ARG B CB  1 
ATOM   481 C CG  . ARG B 1 17 ? 0.339   -0.636  9.606   1.00 12.42  ? 67  ARG B CG  1 
ATOM   482 C CD  . ARG B 1 17 ? -0.533  -1.603  10.408  1.00 11.91  ? 67  ARG B CD  1 
ATOM   483 N NE  . ARG B 1 17 ? -0.015  -1.667  11.789  1.00 17.92  ? 67  ARG B NE  1 
ATOM   484 C CZ  . ARG B 1 17 ? -0.772  -1.512  12.869  1.00 30.74  ? 67  ARG B CZ  1 
ATOM   485 N NH1 . ARG B 1 17 ? -2.077  -1.293  12.760  1.00 21.74  ? 67  ARG B NH1 1 
ATOM   486 N NH2 . ARG B 1 17 ? -0.232  -1.577  14.081  1.00 26.91  ? 67  ARG B NH2 1 
ATOM   487 N N   . VAL B 1 18 ? -1.481  3.879   9.688   1.00 13.28  ? 68  VAL B N   1 
ATOM   488 C CA  . VAL B 1 18 ? -1.960  5.041   10.445  1.00 11.63  ? 68  VAL B CA  1 
ATOM   489 C C   . VAL B 1 18 ? -3.435  4.841   10.770  1.00 22.72  ? 68  VAL B C   1 
ATOM   490 O O   . VAL B 1 18 ? -3.902  5.170   11.869  1.00 20.80  ? 68  VAL B O   1 
ATOM   491 C CB  . VAL B 1 18 ? -1.723  6.359   9.694   1.00 16.84  ? 68  VAL B CB  1 
ATOM   492 C CG1 . VAL B 1 18 ? -2.406  7.540   10.374  1.00 15.91  ? 68  VAL B CG1 1 
ATOM   493 C CG2 . VAL B 1 18 ? -0.227  6.621   9.576   1.00 15.90  ? 68  VAL B CG2 1 
ATOM   494 N N   . ARG B 1 19 ? -4.205  4.276   9.848   1.00 16.35  ? 69  ARG B N   1 
ATOM   495 C CA  . ARG B 1 19 ? -5.612  3.997   10.129  1.00 12.44  ? 69  ARG B CA  1 
ATOM   496 C C   . ARG B 1 19 ? -5.901  2.498   10.064  1.00 22.20  ? 69  ARG B C   1 
ATOM   497 O O   . ARG B 1 19 ? -6.863  2.059   10.680  1.00 18.86  ? 69  ARG B O   1 
ATOM   498 C CB  . ARG B 1 19 ? -6.545  4.693   9.136   1.00 16.61  ? 69  ARG B CB  1 
ATOM   499 C CG  . ARG B 1 19 ? -6.604  6.200   9.291   1.00 25.32  ? 69  ARG B CG  1 
ATOM   500 C CD  . ARG B 1 19 ? -7.053  6.568   10.706  1.00 23.99  ? 69  ARG B CD  1 
ATOM   501 N NE  . ARG B 1 19 ? -6.733  7.970   10.971  1.00 45.00  ? 69  ARG B NE  1 
ATOM   502 C CZ  . ARG B 1 19 ? -5.919  8.489   11.875  1.00 38.44  ? 69  ARG B CZ  1 
ATOM   503 N NH1 . ARG B 1 19 ? -5.239  7.724   12.726  1.00 36.78  ? 69  ARG B NH1 1 
ATOM   504 N NH2 . ARG B 1 19 ? -5.771  9.810   11.945  1.00 53.71  ? 69  ARG B NH2 1 
ATOM   505 N N   . GLY B 1 20 ? -5.114  1.724   9.331   1.00 10.47  ? 70  GLY B N   1 
ATOM   506 C CA  . GLY B 1 20 ? -5.453  0.359   9.008   1.00 14.07  ? 70  GLY B CA  1 
ATOM   507 C C   . GLY B 1 20 ? -4.809  -0.670  9.902   1.00 18.66  ? 70  GLY B C   1 
ATOM   508 O O   . GLY B 1 20 ? -3.771  -0.446  10.521  1.00 19.19  ? 70  GLY B O   1 
ATOM   509 N N   . ALA B 1 21 ? -5.436  -1.844  9.973   1.00 19.78  ? 71  ALA B N   1 
ATOM   510 C CA  . ALA B 1 21 ? -4.923  -2.969  10.737  1.00 15.52  ? 71  ALA B CA  1 
ATOM   511 C C   . ALA B 1 21 ? -3.770  -3.678  10.046  1.00 14.81  ? 71  ALA B C   1 
ATOM   512 O O   . ALA B 1 21 ? -3.540  -3.605  8.841   1.00 17.06  ? 71  ALA B O   1 
ATOM   513 C CB  . ALA B 1 21 ? -6.061  -3.956  10.996  1.00 28.40  ? 71  ALA B CB  1 
ATOM   514 N N   . GLN B 1 22 ? -3.005  -4.427  10.845  1.00 13.75  ? 72  GLN B N   1 
ATOM   515 C CA  . GLN B 1 22 ? -1.860  -5.150  10.319  1.00 14.98  ? 72  GLN B CA  1 
ATOM   516 C C   . GLN B 1 22 ? -2.137  -6.072  9.161   1.00 19.89  ? 72  GLN B C   1 
ATOM   517 O O   . GLN B 1 22 ? -1.438  -5.991  8.149   1.00 16.89  ? 72  GLN B O   1 
ATOM   518 C CB  . GLN B 1 22 ? -1.292  -6.004  11.475  1.00 18.33  ? 72  GLN B CB  1 
ATOM   519 C CG  . GLN B 1 22 ? -0.704  -5.048  12.520  1.00 24.25  ? 72  GLN B CG  1 
ATOM   520 C CD  . GLN B 1 22 ? -0.567  -5.749  13.859  1.00 44.93  ? 72  GLN B CD  1 
ATOM   521 O OE1 . GLN B 1 22 ? -0.909  -5.156  14.880  1.00 74.56  ? 72  GLN B OE1 1 
ATOM   522 N NE2 . GLN B 1 22 ? -0.080  -6.987  13.831  1.00 36.05  ? 72  GLN B NE2 1 
ATOM   523 N N   . LYS B 1 23 ? -3.122  -6.969  9.266   1.00 12.01  ? 73  LYS B N   1 
ATOM   524 C CA  . LYS B 1 23 ? -3.362  -7.932  8.185   1.00 16.91  ? 73  LYS B CA  1 
ATOM   525 C C   . LYS B 1 23 ? -3.842  -7.215  6.921   1.00 14.62  ? 73  LYS B C   1 
ATOM   526 O O   . LYS B 1 23 ? -3.404  -7.534  5.812   1.00 18.65  ? 73  LYS B O   1 
ATOM   527 C CB  . LYS B 1 23 ? -4.363  -8.994  8.649   1.00 17.43  ? 73  LYS B CB  1 
ATOM   528 C CG  . LYS B 1 23 ? -4.566  -10.152 7.694   1.00 25.08  ? 73  LYS B CG  1 
ATOM   529 C CD  . LYS B 1 23 ? -3.246  -10.875 7.450   1.00 38.62  ? 73  LYS B CD  1 
ATOM   530 C CE  . LYS B 1 23 ? -3.509  -12.201 6.741   1.00 46.67  ? 73  LYS B CE  1 
ATOM   531 N NZ  . LYS B 1 23 ? -4.952  -12.331 6.388   1.00 43.26  ? 73  LYS B NZ  1 
ATOM   532 N N   . LEU B 1 24 ? -4.720  -6.234  7.093   1.00 13.09  ? 74  LEU B N   1 
ATOM   533 C CA  . LEU B 1 24 ? -5.190  -5.451  5.958   1.00 12.50  ? 74  LEU B CA  1 
ATOM   534 C C   . LEU B 1 24 ? -4.017  -4.795  5.229   1.00 17.31  ? 74  LEU B C   1 
ATOM   535 O O   . LEU B 1 24 ? -3.909  -4.888  4.017   1.00 12.86  ? 74  LEU B O   1 
ATOM   536 C CB  . LEU B 1 24 ? -6.167  -4.372  6.411   1.00 14.19  ? 74  LEU B CB  1 
ATOM   537 C CG  . LEU B 1 24 ? -6.659  -3.543  5.204   1.00 23.91  ? 74  LEU B CG  1 
ATOM   538 C CD1 . LEU B 1 24 ? -8.107  -3.879  4.901   1.00 22.43  ? 74  LEU B CD1 1 
ATOM   539 C CD2 . LEU B 1 24 ? -6.458  -2.066  5.459   1.00 45.38  ? 74  LEU B CD2 1 
ATOM   540 N N   . CYS B 1 25 ? -3.137  -4.137  5.983   1.00 14.54  ? 75  CYS B N   1 
ATOM   541 C CA  . CYS B 1 25 ? -2.034  -3.393  5.381   1.00 12.75  ? 75  CYS B CA  1 
ATOM   542 C C   . CYS B 1 25 ? -0.924  -4.275  4.841   1.00 8.07   ? 75  CYS B C   1 
ATOM   543 O O   . CYS B 1 25 ? -0.241  -3.885  3.881   1.00 14.06  ? 75  CYS B O   1 
ATOM   544 C CB  . CYS B 1 25 ? -1.474  -2.408  6.434   1.00 13.79  ? 75  CYS B CB  1 
ATOM   545 S SG  . CYS B 1 25 ? -2.647  -1.084  6.779   1.00 13.00  ? 75  CYS B SG  1 
ATOM   546 N N   . ALA B 1 26 ? -0.705  -5.430  5.445   1.00 8.46   ? 76  ALA B N   1 
ATOM   547 C CA  . ALA B 1 26 ? 0.255   -6.397  4.923   1.00 11.63  ? 76  ALA B CA  1 
ATOM   548 C C   . ALA B 1 26 ? -0.189  -6.883  3.542   1.00 16.67  ? 76  ALA B C   1 
ATOM   549 O O   . ALA B 1 26 ? 0.572   -6.966  2.570   1.00 10.41  ? 76  ALA B O   1 
ATOM   550 C CB  . ALA B 1 26 ? 0.420   -7.569  5.877   1.00 11.22  ? 76  ALA B CB  1 
ATOM   551 N N   . ASN B 1 27 ? -1.474  -7.222  3.433   1.00 9.94   ? 77  ASN B N   1 
ATOM   552 C CA  . ASN B 1 27 ? -1.978  -7.630  2.118   1.00 15.33  ? 77  ASN B CA  1 
ATOM   553 C C   . ASN B 1 27 ? -1.954  -6.476  1.128   1.00 13.00  ? 77  ASN B C   1 
ATOM   554 O O   . ASN B 1 27 ? -1.638  -6.677  -0.048  1.00 17.19  ? 77  ASN B O   1 
ATOM   555 C CB  . ASN B 1 27 ? -3.423  -8.131  2.202   1.00 14.55  ? 77  ASN B CB  1 
ATOM   556 C CG  . ASN B 1 27 ? -3.546  -9.529  2.750   1.00 22.60  ? 77  ASN B CG  1 
ATOM   557 O OD1 . ASN B 1 27 ? -2.634  -9.999  3.436   1.00 19.40  ? 77  ASN B OD1 1 
ATOM   558 N ND2 . ASN B 1 27 ? -4.677  -10.158 2.424   1.00 18.59  ? 77  ASN B ND2 1 
ATOM   559 N N   . ALA B 1 28 ? -2.304  -5.256  1.507   1.00 10.46  ? 78  ALA B N   1 
ATOM   560 C CA  . ALA B 1 28 ? -2.253  -4.169  0.523   1.00 16.07  ? 78  ALA B CA  1 
ATOM   561 C C   . ALA B 1 28 ? -0.860  -3.904  -0.027  1.00 14.58  ? 78  ALA B C   1 
ATOM   562 O O   . ALA B 1 28 ? -0.662  -3.559  -1.189  1.00 13.28  ? 78  ALA B O   1 
ATOM   563 C CB  . ALA B 1 28 ? -2.711  -2.885  1.191   1.00 14.08  ? 78  ALA B CB  1 
ATOM   564 N N   . CYS B 1 29 ? 0.120   -4.018  0.869   1.00 11.70  ? 79  CYS B N   1 
ATOM   565 C CA  . CYS B 1 29 ? 1.485   -3.583  0.556   1.00 10.04  ? 79  CYS B CA  1 
ATOM   566 C C   . CYS B 1 29 ? 2.432   -4.730  0.259   1.00 8.93   ? 79  CYS B C   1 
ATOM   567 O O   . CYS B 1 29 ? 3.648   -4.497  0.171   1.00 12.75  ? 79  CYS B O   1 
ATOM   568 C CB  . CYS B 1 29 ? 2.026   -2.764  1.749   1.00 4.66   ? 79  CYS B CB  1 
ATOM   569 S SG  . CYS B 1 29 ? 1.028   -1.297  2.068   1.00 11.76  ? 79  CYS B SG  1 
ATOM   570 N N   . ARG B 1 30 ? 1.942   -5.948  0.109   1.00 10.47  ? 80  ARG B N   1 
ATOM   571 C CA  . ARG B 1 30 ? 2.694   -7.162  -0.120  1.00 15.12  ? 80  ARG B CA  1 
ATOM   572 C C   . ARG B 1 30 ? 3.797   -7.412  0.906   1.00 15.84  ? 80  ARG B C   1 
ATOM   573 O O   . ARG B 1 30 ? 4.886   -7.862  0.545   1.00 16.44  ? 80  ARG B O   1 
ATOM   574 C CB  . ARG B 1 30 ? 3.374   -7.153  -1.504  1.00 19.95  ? 80  ARG B CB  1 
ATOM   575 C CG  . ARG B 1 30 ? 2.361   -6.971  -2.633  1.00 31.77  ? 80  ARG B CG  1 
ATOM   576 C CD  . ARG B 1 30 ? 3.087   -6.744  -3.952  1.00 42.45  ? 80  ARG B CD  1 
ATOM   577 N NE  . ARG B 1 30 ? 3.741   -7.942  -4.447  1.00 44.75  ? 80  ARG B NE  1 
ATOM   578 C CZ  . ARG B 1 30 ? 4.788   -7.954  -5.263  1.00 53.91  ? 80  ARG B CZ  1 
ATOM   579 N NH1 . ARG B 1 30 ? 5.349   -6.843  -5.710  1.00 38.48  ? 80  ARG B NH1 1 
ATOM   580 N NH2 . ARG B 1 30 ? 5.300   -9.117  -5.648  1.00 66.99  ? 80  ARG B NH2 1 
ATOM   581 N N   . CYS B 1 31 ? 3.506   -7.142  2.166   1.00 14.74  ? 81  CYS B N   1 
ATOM   582 C CA  . CYS B 1 31 ? 4.380   -7.546  3.259   1.00 12.14  ? 81  CYS B CA  1 
ATOM   583 C C   . CYS B 1 31 ? 3.845   -8.835  3.882   1.00 12.82  ? 81  CYS B C   1 
ATOM   584 O O   . CYS B 1 31 ? 2.715   -9.208  3.615   1.00 18.06  ? 81  CYS B O   1 
ATOM   585 C CB  . CYS B 1 31 ? 4.466   -6.440  4.308   1.00 10.13  ? 81  CYS B CB  1 
ATOM   586 S SG  . CYS B 1 31 ? 4.924   -4.849  3.587   1.00 12.78  ? 81  CYS B SG  1 
ATOM   587 N N   . LYS B 1 32 ? 4.673   -9.478  4.671   1.00 17.62  ? 82  LYS B N   1 
ATOM   588 C CA  . LYS B 1 32 ? 4.410   -10.721 5.391   1.00 18.60  ? 82  LYS B CA  1 
ATOM   589 C C   . LYS B 1 32 ? 4.265   -10.409 6.873   1.00 20.21  ? 82  LYS B C   1 
ATOM   590 O O   . LYS B 1 32 ? 4.988   -9.535  7.367   1.00 18.63  ? 82  LYS B O   1 
ATOM   591 C CB  . LYS B 1 32 ? 5.573   -11.671 5.092   1.00 23.30  ? 82  LYS B CB  1 
ATOM   592 C CG  . LYS B 1 32 ? 5.178   -13.098 4.780   1.00 39.75  ? 82  LYS B CG  1 
ATOM   593 C CD  . LYS B 1 32 ? 6.359   -14.053 4.828   1.00 46.22  ? 82  LYS B CD  1 
ATOM   594 C CE  . LYS B 1 32 ? 6.796   -14.321 6.257   1.00 53.38  ? 82  LYS B CE  1 
ATOM   595 N NZ  . LYS B 1 32 ? 6.860   -15.771 6.570   1.00 64.36  ? 82  LYS B NZ  1 
ATOM   596 N N   . LEU B 1 33 ? 3.345   -11.060 7.582   1.00 17.15  ? 83  LEU B N   1 
ATOM   597 C CA  . LEU B 1 33 ? 3.312   -10.947 9.037   1.00 17.60  ? 83  LEU B CA  1 
ATOM   598 C C   . LEU B 1 33 ? 3.912   -12.230 9.611   1.00 25.30  ? 83  LEU B C   1 
ATOM   599 O O   . LEU B 1 33 ? 3.675   -13.324 9.094   1.00 19.31  ? 83  LEU B O   1 
ATOM   600 C CB  . LEU B 1 33 ? 1.906   -10.757 9.590   1.00 15.62  ? 83  LEU B CB  1 
ATOM   601 C CG  . LEU B 1 33 ? 1.190   -9.491  9.095   1.00 22.43  ? 83  LEU B CG  1 
ATOM   602 C CD1 . LEU B 1 33 ? -0.235  -9.464  9.645   1.00 27.47  ? 83  LEU B CD1 1 
ATOM   603 C CD2 . LEU B 1 33 ? 1.940   -8.225  9.471   1.00 14.84  ? 83  LEU B CD2 1 
ATOM   604 N N   . THR B 1 34 ? 4.706   -12.094 10.659  1.00 19.26  ? 84  THR B N   1 
ATOM   605 C CA  . THR B 1 34 ? 5.298   -13.305 11.243  1.00 26.25  ? 84  THR B CA  1 
ATOM   606 C C   . THR B 1 34 ? 5.342   -13.176 12.754  1.00 31.46  ? 84  THR B C   1 
ATOM   607 O O   . THR B 1 34 ? 5.408   -12.069 13.303  1.00 23.93  ? 84  THR B O   1 
ATOM   608 C CB  . THR B 1 34 ? 6.726   -13.564 10.742  1.00 29.54  ? 84  THR B CB  1 
ATOM   609 O OG1 . THR B 1 34 ? 7.239   -14.778 11.327  1.00 29.53  ? 84  THR B OG1 1 
ATOM   610 C CG2 . THR B 1 34 ? 7.642   -12.434 11.187  1.00 24.34  ? 84  THR B CG2 1 
ATOM   611 N N   . SER B 1 35 ? 5.304   -14.303 13.478  1.00 28.46  ? 85  SER B N   1 
ATOM   612 C CA  . SER B 1 35 ? 5.485   -14.109 14.924  1.00 32.80  ? 85  SER B CA  1 
ATOM   613 C C   . SER B 1 35 ? 6.950   -14.359 15.273  1.00 33.24  ? 85  SER B C   1 
ATOM   614 O O   . SER B 1 35 ? 7.404   -14.160 16.398  1.00 32.81  ? 85  SER B O   1 
ATOM   615 C CB  . SER B 1 35 ? 4.524   -14.999 15.700  1.00 34.02  ? 85  SER B CB  1 
ATOM   616 O OG  . SER B 1 35 ? 4.738   -16.367 15.389  1.00 35.91  ? 85  SER B OG  1 
ATOM   617 N N   . GLY B 1 36 ? 7.719   -14.788 14.270  1.00 28.19  ? 86  GLY B N   1 
ATOM   618 C CA  . GLY B 1 36 ? 9.160   -14.895 14.452  1.00 20.66  ? 86  GLY B CA  1 
ATOM   619 C C   . GLY B 1 36 ? 9.759   -13.590 14.931  1.00 29.21  ? 86  GLY B C   1 
ATOM   620 O O   . GLY B 1 36 ? 9.197   -12.491 14.896  1.00 23.85  ? 86  GLY B O   1 
ATOM   621 N N   . LEU B 1 37 ? 10.993  -13.658 15.417  1.00 21.77  ? 87  LEU B N   1 
ATOM   622 C CA  . LEU B 1 37 ? 11.667  -12.454 15.860  1.00 27.82  ? 87  LEU B CA  1 
ATOM   623 C C   . LEU B 1 37 ? 12.488  -11.845 14.736  1.00 34.20  ? 87  LEU B C   1 
ATOM   624 O O   . LEU B 1 37 ? 12.960  -10.710 14.825  1.00 36.69  ? 87  LEU B O   1 
ATOM   625 C CB  . LEU B 1 37 ? 12.567  -12.763 17.055  1.00 40.16  ? 87  LEU B CB  1 
ATOM   626 C CG  . LEU B 1 37 ? 11.911  -12.928 18.425  1.00 47.57  ? 87  LEU B CG  1 
ATOM   627 C CD1 . LEU B 1 37 ? 10.443  -13.293 18.337  1.00 42.73  ? 87  LEU B CD1 1 
ATOM   628 C CD2 . LEU B 1 37 ? 12.661  -13.988 19.229  1.00 53.78  ? 87  LEU B CD2 1 
ATOM   629 N N   . LYS B 1 38 ? 12.690  -12.567 13.632  1.00 26.16  ? 88  LYS B N   1 
ATOM   630 C CA  . LYS B 1 38 ? 13.383  -11.845 12.543  1.00 42.13  ? 88  LYS B CA  1 
ATOM   631 C C   . LYS B 1 38 ? 12.730  -12.142 11.198  1.00 37.84  ? 88  LYS B C   1 
ATOM   632 O O   . LYS B 1 38 ? 12.006  -13.109 10.973  1.00 25.54  ? 88  LYS B O   1 
ATOM   633 C CB  . LYS B 1 38 ? 14.880  -12.142 12.549  1.00 49.74  ? 88  LYS B CB  1 
ATOM   634 C CG  . LYS B 1 38 ? 15.273  -13.583 12.303  1.00 62.41  ? 88  LYS B CG  1 
ATOM   635 C CD  . LYS B 1 38 ? 16.539  -13.950 13.066  1.00 73.06  ? 88  LYS B CD  1 
ATOM   636 C CE  . LYS B 1 38 ? 17.043  -15.330 12.672  1.00 76.48  ? 88  LYS B CE  1 
ATOM   637 N NZ  . LYS B 1 38 ? 16.329  -16.414 13.404  1.00 74.02  ? 88  LYS B NZ  1 
ATOM   638 N N   . CYS B 1 39 ? 12.946  -11.263 10.215  1.00 23.81  ? 89  CYS B N   1 
ATOM   639 C CA  . CYS B 1 39 ? 12.293  -11.471 8.923   1.00 22.24  ? 89  CYS B CA  1 
ATOM   640 C C   . CYS B 1 39 ? 13.118  -12.400 8.037   1.00 26.40  ? 89  CYS B C   1 
ATOM   641 O O   . CYS B 1 39 ? 14.349  -12.391 8.138   1.00 26.86  ? 89  CYS B O   1 
ATOM   642 C CB  . CYS B 1 39 ? 12.136  -10.115 8.247   1.00 17.94  ? 89  CYS B CB  1 
ATOM   643 S SG  . CYS B 1 39 ? 10.905  -9.039  9.012   1.00 22.33  ? 89  CYS B SG  1 
ATOM   644 N N   . PRO B 1 40 ? 12.441  -13.140 7.173   1.00 17.91  ? 90  PRO B N   1 
ATOM   645 C CA  . PRO B 1 40 ? 13.121  -13.957 6.161   1.00 19.85  ? 90  PRO B CA  1 
ATOM   646 C C   . PRO B 1 40 ? 13.817  -13.023 5.170   1.00 21.17  ? 90  PRO B C   1 
ATOM   647 O O   . PRO B 1 40 ? 13.456  -11.849 5.006   1.00 16.24  ? 90  PRO B O   1 
ATOM   648 C CB  . PRO B 1 40 ? 12.010  -14.731 5.487   1.00 24.13  ? 90  PRO B CB  1 
ATOM   649 C CG  . PRO B 1 40 ? 10.741  -14.055 5.862   1.00 19.81  ? 90  PRO B CG  1 
ATOM   650 C CD  . PRO B 1 40 ? 10.980  -13.211 7.061   1.00 20.52  ? 90  PRO B CD  1 
ATOM   651 N N   . SER B 1 41 ? 14.861  -13.525 4.505   1.00 17.76  ? 91  SER B N   1 
ATOM   652 C CA  . SER B 1 41 ? 15.717  -12.615 3.740   1.00 20.34  ? 91  SER B CA  1 
ATOM   653 C C   . SER B 1 41 ? 15.010  -12.068 2.509   1.00 17.67  ? 91  SER B C   1 
ATOM   654 O O   . SER B 1 41 ? 15.380  -11.015 1.994   1.00 25.58  ? 91  SER B O   1 
ATOM   655 C CB  . SER B 1 41 ? 17.030  -13.314 3.344   1.00 24.13  ? 91  SER B CB  1 
ATOM   656 O OG  . SER B 1 41 ? 16.757  -14.550 2.702   1.00 25.71  ? 91  SER B OG  1 
ATOM   657 N N   A SER B 1 42 ? 13.992  -12.777 2.040   0.80 12.76  ? 92  SER B N   1 
ATOM   658 N N   B SER B 1 42 ? 13.992  -12.785 2.044   0.20 15.31  ? 92  SER B N   1 
ATOM   659 C CA  A SER B 1 42 ? 13.243  -12.346 0.863   0.80 18.06  ? 92  SER B CA  1 
ATOM   660 C CA  B SER B 1 42 ? 13.241  -12.358 0.862   0.20 17.10  ? 92  SER B CA  1 
ATOM   661 C C   A SER B 1 42 ? 12.345  -11.153 1.144   0.80 16.79  ? 92  SER B C   1 
ATOM   662 C C   B SER B 1 42 ? 12.330  -11.165 1.157   0.20 15.79  ? 92  SER B C   1 
ATOM   663 O O   A SER B 1 42 ? 11.896  -10.460 0.227   0.80 13.50  ? 92  SER B O   1 
ATOM   664 O O   B SER B 1 42 ? 11.880  -10.489 0.229   0.20 14.78  ? 92  SER B O   1 
ATOM   665 C CB  A SER B 1 42 ? 12.367  -13.504 0.357   0.80 18.11  ? 92  SER B CB  1 
ATOM   666 C CB  B SER B 1 42 ? 12.399  -13.519 0.323   0.20 19.64  ? 92  SER B CB  1 
ATOM   667 O OG  A SER B 1 42 ? 11.691  -14.071 1.471   0.80 28.95  ? 92  SER B OG  1 
ATOM   668 O OG  B SER B 1 42 ? 13.157  -14.301 -0.583  0.20 19.16  ? 92  SER B OG  1 
ATOM   669 N N   . PHE B 1 43 ? 12.073  -10.922 2.428   1.00 11.93  ? 93  PHE B N   1 
ATOM   670 C CA  . PHE B 1 43 ? 11.228  -9.835  2.874   1.00 9.19   ? 93  PHE B CA  1 
ATOM   671 C C   . PHE B 1 43 ? 11.959  -9.061  3.971   1.00 18.18  ? 93  PHE B C   1 
ATOM   672 O O   . PHE B 1 43 ? 11.569  -9.116  5.140   1.00 20.18  ? 93  PHE B O   1 
ATOM   673 C CB  . PHE B 1 43 ? 9.933   -10.391 3.469   1.00 15.14  ? 93  PHE B CB  1 
ATOM   674 C CG  . PHE B 1 43 ? 8.902   -10.916 2.478   1.00 23.57  ? 93  PHE B CG  1 
ATOM   675 C CD1 . PHE B 1 43 ? 8.958   -12.218 2.010   1.00 25.96  ? 93  PHE B CD1 1 
ATOM   676 C CD2 . PHE B 1 43 ? 7.871   -10.113 2.024   1.00 23.82  ? 93  PHE B CD2 1 
ATOM   677 C CE1 . PHE B 1 43 ? 8.005   -12.683 1.118   1.00 28.43  ? 93  PHE B CE1 1 
ATOM   678 C CE2 . PHE B 1 43 ? 6.915   -10.559 1.133   1.00 23.84  ? 93  PHE B CE2 1 
ATOM   679 C CZ  . PHE B 1 43 ? 6.978   -11.869 0.681   1.00 24.65  ? 93  PHE B CZ  1 
ATOM   680 N N   . PRO B 1 44 ? 13.044  -8.393  3.608   1.00 17.05  ? 94  PRO B N   1 
ATOM   681 C CA  . PRO B 1 44 ? 13.948  -7.870  4.633   1.00 19.43  ? 94  PRO B CA  1 
ATOM   682 C C   . PRO B 1 44 ? 13.623  -6.504  5.193   1.00 23.74  ? 94  PRO B C   1 
ATOM   683 O O   . PRO B 1 44 ? 14.297  -6.071  6.132   1.00 25.74  ? 94  PRO B O   1 
ATOM   684 C CB  . PRO B 1 44 ? 15.264  -7.812  3.825   1.00 24.64  ? 94  PRO B CB  1 
ATOM   685 C CG  . PRO B 1 44 ? 14.798  -7.344  2.473   1.00 18.30  ? 94  PRO B CG  1 
ATOM   686 C CD  . PRO B 1 44 ? 13.521  -8.124  2.237   1.00 18.15  ? 94  PRO B CD  1 
ATOM   687 N N   . LYS B 1 45 ? 12.624  -5.779  4.688   1.00 15.65  ? 95  LYS B N   1 
ATOM   688 C CA  . LYS B 1 45 ? 12.498  -4.383  5.089   1.00 15.04  ? 95  LYS B CA  1 
ATOM   689 C C   . LYS B 1 45 ? 11.367  -4.163  6.092   1.00 23.10  ? 95  LYS B C   1 
ATOM   690 O O   . LYS B 1 45 ? 10.550  -5.073  6.309   1.00 19.98  ? 95  LYS B O   1 
ATOM   691 C CB  . LYS B 1 45 ? 12.273  -3.492  3.862   1.00 18.89  ? 95  LYS B CB  1 
ATOM   692 C CG  . LYS B 1 45 ? 13.485  -3.353  2.962   1.00 21.24  ? 95  LYS B CG  1 
ATOM   693 C CD  . LYS B 1 45 ? 14.669  -2.738  3.703   1.00 21.59  ? 95  LYS B CD  1 
ATOM   694 C CE  . LYS B 1 45 ? 15.768  -2.387  2.695   1.00 29.00  ? 95  LYS B CE  1 
ATOM   695 N NZ  . LYS B 1 45 ? 17.086  -2.180  3.358   1.00 27.16  ? 95  LYS B NZ  1 
ATOM   696 O OXT . LYS B 1 45 ? 11.311  -3.056  6.649   1.00 22.27  ? 95  LYS B OXT 1 
HETATM 697 S S   . TSU C 2 .  ? 3.251   0.253   -8.130  1.00 24.07  ? 101 TSU A S   1 
HETATM 698 O O1  . TSU C 2 .  ? 4.616   0.062   -8.529  1.00 26.92  ? 101 TSU A O1  1 
HETATM 699 O O2  . TSU C 2 .  ? 2.344   0.002   -9.365  1.00 39.63  ? 101 TSU A O2  1 
HETATM 700 O O3  . TSU C 2 .  ? 3.039   1.702   -7.671  1.00 36.92  ? 101 TSU A O3  1 
HETATM 701 C C1  . TSU C 2 .  ? 2.838   -0.869  -6.886  1.00 13.97  ? 101 TSU A C1  1 
HETATM 702 C C2  . TSU C 2 .  ? 1.883   -0.505  -5.950  1.00 18.02  ? 101 TSU A C2  1 
HETATM 703 C C3  . TSU C 2 .  ? 1.540   -1.432  -4.970  1.00 20.71  ? 101 TSU A C3  1 
HETATM 704 C C4  . TSU C 2 .  ? 2.141   -2.682  -4.934  1.00 17.68  ? 101 TSU A C4  1 
HETATM 705 C C5  . TSU C 2 .  ? 3.088   -3.041  -5.903  1.00 16.80  ? 101 TSU A C5  1 
HETATM 706 C C6  . TSU C 2 .  ? 3.455   -2.110  -6.864  1.00 11.94  ? 101 TSU A C6  1 
HETATM 707 C C7  . TSU C 2 .  ? 1.787   -3.640  -3.829  1.00 29.34  ? 101 TSU A C7  1 
HETATM 708 N N   . SER D 3 .  ? -12.444 8.476   -5.700  1.00 80.31  ? 103 SER A N   1 
HETATM 709 C CA  . SER D 3 .  ? -12.252 7.099   -5.250  1.00 57.74  ? 103 SER A CA  1 
HETATM 710 C C   . SER D 3 .  ? -11.578 7.080   -3.885  1.00 48.52  ? 103 SER A C   1 
HETATM 711 O O   . SER D 3 .  ? -10.589 7.809   -3.718  1.00 50.93  ? 103 SER A O   1 
HETATM 712 C CB  . SER D 3 .  ? -11.430 6.338   -6.292  1.00 55.07  ? 103 SER A CB  1 
HETATM 713 O OG  . SER D 3 .  ? -11.673 6.909   -7.576  1.00 35.48  ? 103 SER A OG  1 
HETATM 714 O OXT . SER D 3 .  ? -12.049 6.350   -2.987  1.00 48.55  ? 103 SER A OXT 1 
HETATM 715 S S   . TSU E 2 .  ? 6.914   -4.298  -3.332  1.00 19.70  ? 102 TSU B S   1 
HETATM 716 O O1  . TSU E 2 .  ? 8.111   -3.990  -2.616  1.00 34.29  ? 102 TSU B O1  1 
HETATM 717 O O2  . TSU E 2 .  ? 6.168   -5.443  -2.607  1.00 23.93  ? 102 TSU B O2  1 
HETATM 718 O O3  . TSU E 2 .  ? 7.253   -4.732  -4.773  1.00 27.82  ? 102 TSU B O3  1 
HETATM 719 C C1  . TSU E 2 .  ? 5.913   -2.888  -3.352  1.00 10.90  ? 102 TSU B C1  1 
HETATM 720 C C2  . TSU E 2 .  ? 6.135   -1.925  -4.317  1.00 13.44  ? 102 TSU B C2  1 
HETATM 721 C C3  . TSU E 2 .  ? 5.395   -0.745  -4.313  1.00 17.11  ? 102 TSU B C3  1 
HETATM 722 C C4  . TSU E 2 .  ? 4.440   -0.550  -3.310  1.00 17.14  ? 102 TSU B C4  1 
HETATM 723 C C5  . TSU E 2 .  ? 4.232   -1.531  -2.347  1.00 13.75  ? 102 TSU B C5  1 
HETATM 724 C C6  . TSU E 2 .  ? 4.952   -2.722  -2.374  1.00 12.79  ? 102 TSU B C6  1 
HETATM 725 C C7  . TSU E 2 .  ? 3.580   0.686   -3.372  1.00 25.72  ? 102 TSU B C7  1 
HETATM 726 N N   . SER F 3 .  ? 4.906   -3.940  14.624  1.00 62.10  ? 105 SER B N   1 
HETATM 727 C CA  . SER F 3 .  ? 4.812   -3.133  13.415  1.00 63.19  ? 105 SER B CA  1 
HETATM 728 C C   . SER F 3 .  ? 3.417   -3.178  12.800  1.00 56.58  ? 105 SER B C   1 
HETATM 729 O O   . SER F 3 .  ? 2.986   -4.237  12.320  1.00 37.13  ? 105 SER B O   1 
HETATM 730 C CB  . SER F 3 .  ? 5.856   -3.615  12.402  1.00 68.95  ? 105 SER B CB  1 
HETATM 731 O OG  . SER F 3 .  ? 6.301   -4.926  12.720  1.00 60.82  ? 105 SER B OG  1 
HETATM 732 O OXT . SER F 3 .  ? 2.737   -2.132  12.785  1.00 32.72  ? 105 SER B OXT 1 
HETATM 733 O O   . HOH G 4 .  ? -10.886 -3.885  8.760   1.00 43.75  ? 201 HOH A O   1 
HETATM 734 O O   . HOH G 4 .  ? -11.013 2.354   -10.673 1.00 55.18  ? 202 HOH A O   1 
HETATM 735 O O   . HOH G 4 .  ? 0.125   2.412   -8.178  1.00 16.23  ? 203 HOH A O   1 
HETATM 736 O O   . HOH G 4 .  ? -0.629  -3.856  -13.955 1.00 36.17  ? 204 HOH A O   1 
HETATM 737 O O   . HOH G 4 .  ? 0.398   -5.246  -11.103 1.00 26.60  ? 205 HOH A O   1 
HETATM 738 O O   . HOH G 4 .  ? -1.630  -4.935  -3.585  1.00 18.96  ? 206 HOH A O   1 
HETATM 739 O O   . HOH G 4 .  ? -4.744  -8.403  -1.443  1.00 31.36  ? 207 HOH A O   1 
HETATM 740 O O   . HOH G 4 .  ? -12.216 0.108   -0.438  1.00 22.05  ? 208 HOH A O   1 
HETATM 741 O O   . HOH G 4 .  ? -5.574  2.403   6.050   1.00 17.66  ? 209 HOH A O   1 
HETATM 742 O O   . HOH G 4 .  ? -14.066 3.502   2.045   1.00 29.50  ? 210 HOH A O   1 
HETATM 743 O O   . HOH G 4 .  ? -12.086 5.144   4.896   1.00 30.58  ? 211 HOH A O   1 
HETATM 744 O O   . HOH G 4 .  ? -7.832  12.640  1.947   1.00 30.42  ? 212 HOH A O   1 
HETATM 745 O O   . HOH G 4 .  ? 0.087   10.508  -4.036  1.00 47.05  ? 213 HOH A O   1 
HETATM 746 O O   . HOH G 4 .  ? -1.117  -7.176  -3.591  1.00 47.60  ? 233 HOH A O   1 
HETATM 747 O O   . HOH G 4 .  ? -10.237 10.669  2.110   1.00 44.78  ? 234 HOH A O   1 
HETATM 748 O O   . HOH G 4 .  ? -10.543 -2.221  -8.517  1.00 43.42  ? 236 HOH A O   1 
HETATM 749 O O   . HOH G 4 .  ? -7.848  0.344   5.765   1.00 31.90  ? 237 HOH A O   1 
HETATM 750 O O   . HOH G 4 .  ? -10.860 4.999   9.634   1.00 62.85  ? 239 HOH A O   1 
HETATM 751 O O   . HOH G 4 .  ? -9.651  8.128   7.220   1.00 44.10  ? 240 HOH A O   1 
HETATM 752 O O   . HOH G 4 .  ? -2.078  12.513  -5.261  1.00 44.41  ? 241 HOH A O   1 
HETATM 753 O O   . HOH G 4 .  ? 2.782   8.539   -6.878  1.00 40.43  ? 242 HOH A O   1 
HETATM 754 O O   . HOH G 4 .  ? -3.233  15.019  -5.916  1.00 53.74  ? 243 HOH A O   1 
HETATM 755 O O   . HOH G 4 .  ? -14.660 8.465   -3.279  1.00 71.19  ? 252 HOH A O   1 
HETATM 756 O O   . HOH G 4 .  ? -9.241  -2.180  11.332  1.00 55.95  ? 253 HOH A O   1 
HETATM 757 O O   . HOH G 4 .  ? -9.482  7.918   -16.146 1.00 48.04  ? 254 HOH A O   1 
HETATM 758 O O   . HOH G 4 .  ? -8.890  -4.823  -4.919  0.50 30.08  ? 256 HOH A O   1 
HETATM 759 O O   . HOH G 4 .  ? -10.358 -4.467  -8.971  1.00 53.53  ? 258 HOH A O   1 
HETATM 760 O O   . HOH G 4 .  ? -12.072 8.472   4.499   1.00 52.25  ? 259 HOH A O   1 
HETATM 761 O O   . HOH G 4 .  ? -4.070  15.197  -10.100 1.00 105.05 ? 264 HOH A O   1 
HETATM 762 O O   . HOH G 4 .  ? -13.881 4.641   7.477   1.00 52.07  ? 265 HOH A O   1 
HETATM 763 O O   . HOH G 4 .  ? -13.510 13.028  -11.076 1.00 99.83  ? 269 HOH A O   1 
HETATM 764 O O   . HOH G 4 .  ? -7.353  -0.344  -16.188 1.00 58.81  ? 270 HOH A O   1 
HETATM 765 O O   . HOH G 4 .  ? -11.980 3.333   -4.971  1.00 84.53  ? 271 HOH A O   1 
HETATM 766 O O   . HOH G 4 .  ? -0.721  9.551   -23.602 1.00 54.04  ? 272 HOH A O   1 
HETATM 767 O O   . HOH G 4 .  ? -8.639  -4.819  -7.432  0.50 42.37  ? 275 HOH A O   1 
HETATM 768 O O   . HOH G 4 .  ? -8.321  -0.619  -12.680 1.00 64.52  ? 276 HOH A O   1 
HETATM 769 O O   . HOH G 4 .  ? -2.263  11.828  -2.389  1.00 62.07  ? 277 HOH A O   1 
HETATM 770 O O   . HOH G 4 .  ? 0.323   9.187   -20.874 1.00 86.81  ? 278 HOH A O   1 
HETATM 771 O O   . HOH G 4 .  ? 1.778   8.835   -4.689  1.00 60.12  ? 279 HOH A O   1 
HETATM 772 O O   . HOH G 4 .  ? 3.428   10.401  1.714   1.00 52.73  ? 281 HOH A O   1 
HETATM 773 O O   . HOH G 4 .  ? -10.889 -0.661  -12.243 1.00 61.24  ? 282 HOH A O   1 
HETATM 774 O O   . HOH G 4 .  ? -10.382 5.179   -10.129 1.00 51.81  ? 283 HOH A O   1 
HETATM 775 O O   . HOH G 4 .  ? 4.344   7.705   -2.541  1.00 43.92  ? 285 HOH A O   1 
HETATM 776 O O   . HOH G 4 .  ? 1.257   -2.603  -15.062 1.00 60.13  ? 286 HOH A O   1 
HETATM 777 O O   . HOH G 4 .  ? 2.865   3.050   -14.416 1.00 78.93  ? 287 HOH A O   1 
HETATM 778 O O   . HOH G 4 .  ? -3.943  -10.621 -3.608  1.00 71.35  ? 289 HOH A O   1 
HETATM 779 O O   . HOH H 4 .  ? 5.078   3.362   -0.846  1.00 19.06  ? 214 HOH B O   1 
HETATM 780 O O   . HOH H 4 .  ? 9.357   -5.285  11.346  1.00 35.63  ? 215 HOH B O   1 
HETATM 781 O O   . HOH H 4 .  ? 6.637   -5.164  0.277   1.00 11.64  ? 216 HOH B O   1 
HETATM 782 O O   . HOH H 4 .  ? 10.490  -11.514 -1.981  1.00 41.77  ? 217 HOH B O   1 
HETATM 783 O O   . HOH H 4 .  ? 14.703  -5.046  -0.351  1.00 30.67  ? 218 HOH B O   1 
HETATM 784 O O   . HOH H 4 .  ? 14.558  -1.721  -0.755  1.00 20.16  ? 219 HOH B O   1 
HETATM 785 O O   . HOH H 4 .  ? 16.778  -0.370  -0.684  1.00 33.18  ? 220 HOH B O   1 
HETATM 786 O O   . HOH H 4 .  ? 18.451  -0.711  1.636   1.00 54.32  ? 221 HOH B O   1 
HETATM 787 O O   . HOH H 4 .  ? 18.483  -10.509 5.492   1.00 37.12  ? 222 HOH B O   1 
HETATM 788 O O   . HOH H 4 .  ? 11.478  2.729   3.629   1.00 27.15  ? 223 HOH B O   1 
HETATM 789 O O   . HOH H 4 .  ? 2.715   4.483   10.822  1.00 22.36  ? 224 HOH B O   1 
HETATM 790 O O   . HOH H 4 .  ? -2.492  5.966   14.167  1.00 27.35  ? 225 HOH B O   1 
HETATM 791 O O   . HOH H 4 .  ? -3.329  -4.811  13.663  1.00 31.96  ? 226 HOH B O   1 
HETATM 792 O O   . HOH H 4 .  ? -4.851  -7.607  11.786  1.00 23.73  ? 227 HOH B O   1 
HETATM 793 O O   . HOH H 4 .  ? 1.451   -12.700 6.060   1.00 30.41  ? 228 HOH B O   1 
HETATM 794 O O   . HOH H 4 .  ? 5.129   -16.476 11.822  1.00 75.41  ? 229 HOH B O   1 
HETATM 795 O O   . HOH H 4 .  ? 16.032  -10.524 6.680   1.00 41.33  ? 230 HOH B O   1 
HETATM 796 O O   . HOH H 4 .  ? 15.043  -16.619 5.129   1.00 57.59  ? 231 HOH B O   1 
HETATM 797 O O   . HOH H 4 .  ? 18.200  -9.811  2.916   1.00 26.33  ? 232 HOH B O   1 
HETATM 798 O O   . HOH H 4 .  ? 3.207   2.084   12.057  1.00 51.47  ? 235 HOH B O   1 
HETATM 799 O O   . HOH H 4 .  ? -8.350  -2.367  8.964   1.00 45.59  ? 238 HOH B O   1 
HETATM 800 O O   . HOH H 4 .  ? 11.741  -3.968  9.765   1.00 38.93  ? 244 HOH B O   1 
HETATM 801 O O   . HOH H 4 .  ? 14.199  -8.990  10.748  1.00 39.35  ? 245 HOH B O   1 
HETATM 802 O O   . HOH H 4 .  ? 11.466  -10.802 -4.709  1.00 43.50  ? 246 HOH B O   1 
HETATM 803 O O   . HOH H 4 .  ? -4.227  1.743   12.828  1.00 23.50  ? 247 HOH B O   1 
HETATM 804 O O   . HOH H 4 .  ? -0.459  2.665   13.747  1.00 35.91  ? 248 HOH B O   1 
HETATM 805 O O   . HOH H 4 .  ? 0.995   -10.120 1.340   1.00 42.90  ? 249 HOH B O   1 
HETATM 806 O O   . HOH H 4 .  ? 7.417   -11.172 16.101  1.00 42.34  ? 250 HOH B O   1 
HETATM 807 O O   . HOH H 4 .  ? 12.136  -8.877  16.796  1.00 56.15  ? 251 HOH B O   1 
HETATM 808 O O   . HOH H 4 .  ? -5.609  9.922   7.801   1.00 56.78  ? 255 HOH B O   1 
HETATM 809 O O   . HOH H 4 .  ? 15.747  -8.082  7.728   1.00 42.80  ? 257 HOH B O   1 
HETATM 810 O O   . HOH H 4 .  ? -8.896  2.966   12.181  1.00 63.91  ? 260 HOH B O   1 
HETATM 811 O O   . HOH H 4 .  ? 13.634  -6.330  9.044   1.00 46.01  ? 261 HOH B O   1 
HETATM 812 O O   . HOH H 4 .  ? 2.075   -2.386  16.448  1.00 71.93  ? 262 HOH B O   1 
HETATM 813 O O   . HOH H 4 .  ? -4.405  6.967   15.456  1.00 39.79  ? 263 HOH B O   1 
HETATM 814 O O   . HOH H 4 .  ? -4.301  4.818   7.083   1.00 37.46  ? 266 HOH B O   1 
HETATM 815 O O   . HOH H 4 .  ? 13.753  -6.994  15.464  1.00 85.75  ? 267 HOH B O   1 
HETATM 816 O O   . HOH H 4 .  ? 16.744  -4.496  6.421   1.00 50.24  ? 268 HOH B O   1 
HETATM 817 O O   . HOH H 4 .  ? -0.470  -12.619 8.099   1.00 83.77  ? 273 HOH B O   1 
HETATM 818 O O   . HOH H 4 .  ? 14.245  -16.037 2.228   1.00 44.07  ? 274 HOH B O   1 
HETATM 819 O O   . HOH H 4 .  ? -2.639  -1.634  16.613  1.00 81.48  ? 280 HOH B O   1 
HETATM 820 O O   . HOH H 4 .  ? -5.430  7.231   6.969   1.00 45.08  ? 284 HOH B O   1 
HETATM 821 O O   . HOH H 4 .  ? 0.200   -10.518 3.696   1.00 44.81  ? 288 HOH B O   1 
HETATM 822 O O   . HOH H 4 .  ? 0.659   -10.003 -5.058  1.00 50.89  ? 290 HOH B O   1 
HETATM 823 O O   . HOH H 4 .  ? -0.623  -9.115  -0.822  1.00 51.00  ? 293 HOH B O   1 
HETATM 824 O O   . HOH H 4 .  ? 5.227   -10.069 16.599  1.00 55.00  ? 294 HOH B O   1 
# 
